data_3L4X
#
_entry.id   3L4X
#
_cell.length_a   87.173
_cell.length_b   109.437
_cell.length_c   109.327
_cell.angle_alpha   90.000
_cell.angle_beta   90.000
_cell.angle_gamma   90.000
#
_symmetry.space_group_name_H-M   'P 21 21 21'
#
loop_
_entity.id
_entity.type
_entity.pdbx_description
1 polymer 'Maltase-glucoamylase, intestinal'
2 branched 2-acetamido-2-deoxy-beta-D-glucopyranose-(1-4)-2-acetamido-2-deoxy-beta-D-glucopyranose
3 non-polymer '(1S,2R,3S,4S)-1-{(1S)-2-[(2R,3S,4S)-3,4-dihydroxy-2-(hydroxymethyl)tetrahydrothiophenium-1-yl]-1-hydroxyethyl}-2,3,4,5-tetrahydroxypentyl sulfate'
4 non-polymer 2-acetamido-2-deoxy-beta-D-glucopyranose
5 non-polymer GLYCEROL
6 water water
#
_entity_poly.entity_id   1
_entity_poly.type   'polypeptide(L)'
_entity_poly.pdbx_seq_one_letter_code
;SAECPVVNELERINCIPDQPPTKATCDQRGCCWNPQGAVSVPWCYYSKNHSYHVEGNLVNTNAGFTARLKNLPSSPVFGS
NVDNVLLTAEYQTSNRFHFKLTDQTNNRFEVPHEHVQSFSGNAAASLTYQVEISRQPFSIKVTRRSNNRVLFDSSIGPLL
FADQFLQLSTRLPSTNVYGLGEHVHQQYRHDMNWKTWPIFNRDTTPNGNGTNLYGAQTFFLCLEDASGLSFGVFLMNSNA
MEVVLQPAPAITYRTIGGILDFYVFLGNTPEQVVQEYLELIGRPALPSYWALGFHLSRYEYGTLDNMREVVERNRAAQLP
YDVQHADIDYMDERRDFTYDSVDFKGFPEFVNELHNNGQKLVIIVDPAISNNSSSSKPYGPYDRGSDMKIWVNSSDGVTP
LIGEVWPGQTVFPDYTNPNCAVWWTKEFELFHNQVEFDGIWIDMNEVSNFVDGSVSGCSTNNLNNPPFTPRILDGYLFCK
TLCMDAVQHWGKQYDIHNLYGYSMAVATAEAAKTVFPNKRSFILTRSTFAGSGKFAAHWLGDNTATWDDLRWSIPGVLEF
NLFGIPMVGPDICGFALDTPEELCRRWMQLGAFYPFSRNHNGQGYKDQDPASFGADSLLLNSSRHYLNIRYTLLPYLYTL
FFRAHSRGDTVARPLLHEFYEDNSTWDVHQQFLWGPGLLITPVLDEGAEKVMAYVPDAVWYDYETGSQVRWRKQKVEMEL
PGDKIGLHLRGGYIFPTQQPNTTTLASRKNPLGLIIALDENKEAKGELFWDDGETKDTVANKVYLLCEFSVTQNRLEVNI
SQSTYKDPNNLAFNEIKILGTEEPSNVTVKHNGVPSQTSPTVTYDSNLKVAIITDIDLLLGEAYTVEWAHHHHHH
;
_entity_poly.pdbx_strand_id   A
#
loop_
_chem_comp.id
_chem_comp.type
_chem_comp.name
_chem_comp.formula
GOL non-polymer GLYCEROL 'C3 H8 O3'
NAG D-saccharide, beta linking 2-acetamido-2-deoxy-beta-D-glucopyranose 'C8 H15 N O6'
NR3 non-polymer '(1S,2R,3S,4S)-1-{(1S)-2-[(2R,3S,4S)-3,4-dihydroxy-2-(hydroxymethyl)tetrahydrothiophenium-1-yl]-1-hydroxyethyl}-2,3,4,5-tetrahydroxypentyl sulfate' 'C12 H24 O12 S2'
#
# COMPACT_ATOMS: atom_id res chain seq x y z
N VAL A 7 5.60 -25.62 -30.08
CA VAL A 7 5.62 -24.77 -28.86
C VAL A 7 6.05 -23.33 -29.23
N ASN A 8 5.07 -22.51 -29.62
CA ASN A 8 5.14 -21.04 -29.71
C ASN A 8 6.20 -20.56 -28.74
N GLU A 9 7.14 -19.76 -29.22
CA GLU A 9 8.26 -19.42 -28.35
C GLU A 9 7.87 -18.54 -27.15
N LEU A 10 6.76 -17.79 -27.25
CA LEU A 10 6.34 -16.96 -26.12
C LEU A 10 5.79 -17.77 -24.97
N GLU A 11 5.45 -19.03 -25.21
CA GLU A 11 4.87 -19.92 -24.19
C GLU A 11 5.91 -20.84 -23.55
N ARG A 12 7.15 -20.76 -23.98
CA ARG A 12 8.18 -21.63 -23.36
C ARG A 12 8.47 -21.21 -21.92
N ILE A 13 8.54 -22.20 -21.03
CA ILE A 13 8.77 -21.98 -19.62
C ILE A 13 10.23 -22.40 -19.34
N ASN A 14 11.02 -21.43 -18.91
CA ASN A 14 12.46 -21.58 -18.73
C ASN A 14 12.85 -22.70 -17.74
N CYS A 15 13.65 -23.67 -18.23
CA CYS A 15 14.08 -24.85 -17.45
C CYS A 15 15.48 -24.63 -16.85
N ILE A 16 16.12 -23.52 -17.23
CA ILE A 16 17.43 -23.17 -16.69
C ILE A 16 17.40 -21.74 -16.16
N PRO A 17 16.74 -21.53 -15.01
CA PRO A 17 16.67 -20.17 -14.44
C PRO A 17 17.95 -19.76 -13.71
N ASP A 18 18.86 -20.70 -13.51
CA ASP A 18 19.90 -20.62 -12.50
C ASP A 18 21.29 -20.40 -13.08
N GLN A 19 21.42 -20.53 -14.39
CA GLN A 19 22.72 -20.41 -15.03
C GLN A 19 22.59 -20.10 -16.51
N PRO A 20 23.72 -19.75 -17.18
CA PRO A 20 23.71 -19.59 -18.64
C PRO A 20 23.27 -20.91 -19.31
N PRO A 21 22.31 -20.86 -20.24
CA PRO A 21 21.74 -22.09 -20.82
C PRO A 21 22.71 -22.89 -21.70
N THR A 22 22.81 -24.20 -21.44
CA THR A 22 23.63 -25.09 -22.23
C THR A 22 22.84 -26.35 -22.59
N LYS A 23 23.16 -26.95 -23.74
CA LYS A 23 22.48 -28.19 -24.16
C LYS A 23 22.78 -29.29 -23.17
N ALA A 24 23.99 -29.30 -22.61
CA ALA A 24 24.36 -30.33 -21.67
C ALA A 24 23.42 -30.33 -20.45
N THR A 25 23.20 -29.15 -19.87
CA THR A 25 22.34 -29.03 -18.70
C THR A 25 20.90 -29.32 -19.13
N CYS A 26 20.53 -28.81 -20.31
CA CYS A 26 19.20 -29.04 -20.86
C CYS A 26 18.90 -30.53 -20.95
N ASP A 27 19.84 -31.27 -21.55
CA ASP A 27 19.70 -32.74 -21.70
C ASP A 27 19.62 -33.46 -20.37
N GLN A 28 20.48 -33.08 -19.42
CA GLN A 28 20.46 -33.68 -18.07
C GLN A 28 19.12 -33.48 -17.34
N ARG A 29 18.47 -32.36 -17.62
CA ARG A 29 17.25 -31.99 -16.88
C ARG A 29 16.02 -32.53 -17.60
N GLY A 30 16.25 -33.11 -18.78
CA GLY A 30 15.20 -33.67 -19.64
C GLY A 30 14.27 -32.59 -20.24
N CYS A 31 14.83 -31.43 -20.55
CA CYS A 31 14.05 -30.31 -21.12
C CYS A 31 14.28 -30.18 -22.62
N CYS A 32 13.65 -29.21 -23.27
CA CYS A 32 13.77 -29.05 -24.72
C CYS A 32 14.79 -27.95 -25.05
N TRP A 33 15.60 -28.19 -26.09
CA TRP A 33 16.66 -27.26 -26.49
C TRP A 33 16.38 -26.63 -27.86
N ASN A 34 16.37 -25.30 -27.91
CA ASN A 34 16.14 -24.58 -29.17
C ASN A 34 16.69 -23.16 -28.99
N PRO A 35 17.98 -22.96 -29.34
CA PRO A 35 18.57 -21.66 -29.15
C PRO A 35 18.15 -20.62 -30.19
N GLN A 36 17.26 -20.97 -31.11
CA GLN A 36 16.95 -20.07 -32.25
C GLN A 36 15.85 -18.99 -32.04
N GLY A 37 15.39 -18.77 -30.80
CA GLY A 37 14.36 -17.75 -30.52
C GLY A 37 14.88 -16.32 -30.49
N ALA A 38 13.98 -15.34 -30.27
CA ALA A 38 14.37 -13.93 -30.12
C ALA A 38 15.01 -13.68 -28.75
N VAL A 39 15.52 -12.47 -28.53
CA VAL A 39 16.11 -12.12 -27.22
C VAL A 39 15.19 -12.53 -26.05
N SER A 40 15.80 -13.11 -25.03
CA SER A 40 15.13 -13.46 -23.76
C SER A 40 14.24 -14.69 -23.85
N VAL A 41 13.94 -15.15 -25.06
CA VAL A 41 13.22 -16.42 -25.22
C VAL A 41 14.10 -17.54 -24.69
N PRO A 42 13.56 -18.37 -23.77
CA PRO A 42 14.42 -19.39 -23.15
C PRO A 42 14.92 -20.40 -24.19
N TRP A 43 16.23 -20.61 -24.21
CA TRP A 43 16.81 -21.63 -25.09
C TRP A 43 16.47 -23.04 -24.60
N CYS A 44 16.38 -23.19 -23.29
CA CYS A 44 16.03 -24.46 -22.68
C CYS A 44 14.72 -24.30 -21.89
N TYR A 45 13.75 -25.13 -22.22
CA TYR A 45 12.39 -24.99 -21.69
C TYR A 45 11.74 -26.35 -21.44
N TYR A 46 10.78 -26.39 -20.52
CA TYR A 46 10.20 -27.63 -20.07
C TYR A 46 9.41 -28.33 -21.16
N SER A 47 9.53 -29.66 -21.17
CA SER A 47 8.75 -30.46 -22.10
C SER A 47 7.31 -30.62 -21.64
N LYS A 48 6.52 -31.26 -22.50
CA LYS A 48 5.06 -31.41 -22.38
C LYS A 48 4.60 -32.28 -21.22
N ASN A 49 5.52 -33.06 -20.64
CA ASN A 49 5.21 -33.94 -19.54
C ASN A 49 6.45 -34.03 -18.65
N HIS A 50 6.60 -33.09 -17.72
CA HIS A 50 7.76 -33.05 -16.84
C HIS A 50 7.41 -33.46 -15.40
N SER A 51 6.15 -33.27 -15.02
CA SER A 51 5.87 -32.96 -13.63
C SER A 51 5.13 -34.00 -12.80
N TYR A 52 3.84 -33.77 -12.57
CA TYR A 52 3.02 -34.59 -11.68
C TYR A 52 1.83 -35.10 -12.44
N HIS A 53 1.29 -36.21 -12.00
CA HIS A 53 0.02 -36.68 -12.51
C HIS A 53 -0.91 -36.94 -11.34
N VAL A 54 -2.20 -36.83 -11.59
CA VAL A 54 -3.18 -37.16 -10.58
C VAL A 54 -3.20 -38.69 -10.47
N GLU A 55 -3.08 -39.17 -9.25
CA GLU A 55 -3.22 -40.58 -8.94
C GLU A 55 -4.64 -40.87 -8.42
N GLY A 56 -5.39 -41.67 -9.18
CA GLY A 56 -6.69 -42.12 -8.73
C GLY A 56 -7.73 -41.02 -8.88
N ASN A 57 -8.77 -41.08 -8.06
CA ASN A 57 -9.89 -40.13 -8.23
C ASN A 57 -9.74 -38.95 -7.31
N LEU A 58 -10.29 -37.83 -7.75
CA LEU A 58 -10.54 -36.72 -6.87
C LEU A 58 -11.60 -37.11 -5.87
N VAL A 59 -11.51 -36.54 -4.68
CA VAL A 59 -12.47 -36.78 -3.62
C VAL A 59 -13.21 -35.52 -3.27
N ASN A 60 -14.53 -35.54 -3.35
CA ASN A 60 -15.35 -34.48 -2.78
C ASN A 60 -15.24 -34.32 -1.27
N THR A 61 -15.06 -33.08 -0.84
CA THR A 61 -15.04 -32.74 0.57
C THR A 61 -16.19 -31.75 0.77
N ASN A 62 -16.51 -31.40 2.01
CA ASN A 62 -17.54 -30.36 2.24
C ASN A 62 -17.20 -29.01 1.59
N ALA A 63 -15.92 -28.66 1.58
CA ALA A 63 -15.43 -27.37 1.03
C ALA A 63 -15.15 -27.34 -0.48
N GLY A 64 -14.89 -28.49 -1.06
CA GLY A 64 -14.45 -28.60 -2.46
C GLY A 64 -14.03 -30.01 -2.82
N PHE A 65 -12.72 -30.22 -2.99
CA PHE A 65 -12.20 -31.54 -3.34
C PHE A 65 -10.72 -31.64 -3.01
N THR A 66 -10.22 -32.87 -2.91
CA THR A 66 -8.78 -33.12 -2.81
C THR A 66 -8.37 -34.07 -3.94
N ALA A 67 -7.08 -34.05 -4.29
CA ALA A 67 -6.49 -34.90 -5.28
C ALA A 67 -5.10 -35.25 -4.78
N ARG A 68 -4.70 -36.48 -5.03
CA ARG A 68 -3.32 -36.87 -4.79
C ARG A 68 -2.56 -36.75 -6.08
N LEU A 69 -1.42 -36.08 -6.04
CA LEU A 69 -0.58 -35.92 -7.17
C LEU A 69 0.67 -36.76 -6.94
N LYS A 70 1.09 -37.48 -7.97
CA LYS A 70 2.26 -38.33 -7.85
C LYS A 70 3.33 -37.82 -8.79
N ASN A 71 4.54 -37.71 -8.26
CA ASN A 71 5.68 -37.28 -9.04
C ASN A 71 6.02 -38.31 -10.14
N LEU A 72 6.07 -37.83 -11.38
CA LEU A 72 6.66 -38.59 -12.49
C LEU A 72 8.20 -38.54 -12.36
N PRO A 73 8.90 -39.65 -12.65
CA PRO A 73 10.37 -39.68 -12.49
C PRO A 73 11.11 -38.48 -13.13
N SER A 74 11.94 -37.79 -12.34
CA SER A 74 12.74 -36.64 -12.80
C SER A 74 14.01 -36.39 -11.98
N SER A 75 15.10 -36.02 -12.65
CA SER A 75 16.41 -35.84 -11.98
C SER A 75 16.38 -34.64 -11.02
N PRO A 76 17.03 -34.76 -9.83
CA PRO A 76 16.85 -33.71 -8.85
C PRO A 76 17.77 -32.51 -9.13
N VAL A 77 17.18 -31.41 -9.59
CA VAL A 77 17.96 -30.21 -9.93
C VAL A 77 18.25 -29.36 -8.70
N PHE A 78 17.20 -28.96 -7.98
CA PHE A 78 17.37 -28.11 -6.80
C PHE A 78 17.05 -28.91 -5.54
N GLY A 79 17.44 -30.18 -5.59
CA GLY A 79 17.40 -31.05 -4.45
C GLY A 79 16.12 -31.83 -4.22
N SER A 80 15.77 -31.96 -2.94
CA SER A 80 14.85 -32.96 -2.42
C SER A 80 13.39 -32.78 -2.87
N ASN A 81 13.07 -33.49 -3.95
CA ASN A 81 11.78 -33.49 -4.61
C ASN A 81 10.63 -34.11 -3.77
N VAL A 82 9.39 -33.66 -3.98
CA VAL A 82 8.27 -34.16 -3.17
C VAL A 82 7.47 -35.18 -3.96
N ASP A 83 7.53 -36.44 -3.53
CA ASP A 83 6.97 -37.57 -4.30
C ASP A 83 5.43 -37.58 -4.36
N ASN A 84 4.79 -37.32 -3.24
CA ASN A 84 3.34 -37.29 -3.18
C ASN A 84 2.88 -35.94 -2.73
N VAL A 85 2.16 -35.26 -3.62
CA VAL A 85 1.68 -33.93 -3.35
C VAL A 85 0.17 -34.03 -3.13
N LEU A 86 -0.37 -33.26 -2.18
CA LEU A 86 -1.80 -33.23 -1.96
C LEU A 86 -2.30 -31.89 -2.52
N LEU A 87 -3.37 -31.95 -3.30
CA LEU A 87 -4.09 -30.75 -3.70
C LEU A 87 -5.38 -30.67 -2.88
N THR A 88 -5.60 -29.54 -2.22
CA THR A 88 -6.81 -29.30 -1.45
C THR A 88 -7.40 -28.04 -2.06
N ALA A 89 -8.65 -28.13 -2.48
CA ALA A 89 -9.32 -27.02 -3.16
C ALA A 89 -10.56 -26.69 -2.37
N GLU A 90 -10.86 -25.39 -2.20
CA GLU A 90 -12.01 -24.97 -1.40
C GLU A 90 -12.75 -23.87 -2.15
N TYR A 91 -14.05 -24.08 -2.36
CA TYR A 91 -14.89 -23.08 -3.06
C TYR A 91 -15.35 -22.13 -1.98
N GLN A 92 -14.47 -21.22 -1.59
CA GLN A 92 -14.71 -20.49 -0.34
C GLN A 92 -15.86 -19.51 -0.44
N THR A 93 -15.94 -18.80 -1.54
CA THR A 93 -17.07 -17.88 -1.73
C THR A 93 -17.41 -17.90 -3.21
N SER A 94 -18.51 -17.24 -3.60
CA SER A 94 -18.86 -17.16 -5.02
C SER A 94 -17.76 -16.50 -5.86
N ASN A 95 -16.90 -15.69 -5.22
CA ASN A 95 -15.89 -14.97 -5.95
C ASN A 95 -14.46 -15.27 -5.53
N ARG A 96 -14.26 -16.27 -4.69
CA ARG A 96 -12.90 -16.54 -4.23
C ARG A 96 -12.71 -18.05 -4.18
N PHE A 97 -11.68 -18.51 -4.89
CA PHE A 97 -11.28 -19.89 -4.93
C PHE A 97 -9.95 -19.99 -4.18
N HIS A 98 -9.77 -21.08 -3.43
CA HIS A 98 -8.55 -21.26 -2.68
C HIS A 98 -8.06 -22.66 -3.05
N PHE A 99 -6.78 -22.81 -3.44
CA PHE A 99 -6.20 -24.15 -3.59
C PHE A 99 -4.78 -24.16 -3.01
N LYS A 100 -4.41 -25.28 -2.40
CA LYS A 100 -3.08 -25.43 -1.85
C LYS A 100 -2.48 -26.76 -2.23
N LEU A 101 -1.16 -26.73 -2.46
CA LEU A 101 -0.40 -27.92 -2.81
C LEU A 101 0.54 -28.13 -1.65
N THR A 102 0.41 -29.28 -0.99
CA THR A 102 1.19 -29.55 0.22
C THR A 102 1.90 -30.89 0.01
N ASP A 103 2.87 -31.23 0.85
CA ASP A 103 3.48 -32.56 0.82
C ASP A 103 2.50 -33.50 1.54
N GLN A 104 2.04 -34.55 0.86
CA GLN A 104 1.02 -35.41 1.42
C GLN A 104 1.47 -36.07 2.72
N THR A 105 2.76 -36.34 2.86
CA THR A 105 3.26 -37.07 4.05
C THR A 105 4.12 -36.28 5.05
N ASN A 106 4.28 -34.97 4.84
CA ASN A 106 5.03 -34.15 5.79
C ASN A 106 4.42 -32.76 5.94
N ASN A 107 4.34 -32.28 7.17
CA ASN A 107 3.97 -30.92 7.46
C ASN A 107 5.09 -30.01 6.96
N ARG A 108 4.72 -28.91 6.30
CA ARG A 108 5.69 -27.91 5.83
C ARG A 108 5.30 -26.55 6.37
N PHE A 109 6.23 -25.59 6.32
CA PHE A 109 5.99 -24.29 6.86
C PHE A 109 4.81 -23.64 6.10
N GLU A 110 3.84 -23.17 6.85
CA GLU A 110 2.73 -22.38 6.30
C GLU A 110 2.70 -21.06 7.03
N VAL A 111 2.43 -19.97 6.29
CA VAL A 111 2.42 -18.63 6.89
C VAL A 111 1.41 -18.51 8.01
N PRO A 112 1.87 -18.12 9.22
CA PRO A 112 0.93 -17.99 10.33
C PRO A 112 0.23 -16.63 10.33
N HIS A 113 -0.54 -16.36 9.30
CA HIS A 113 -1.17 -15.04 9.14
C HIS A 113 -2.13 -14.66 10.29
N GLU A 114 -2.11 -13.39 10.68
CA GLU A 114 -2.91 -12.92 11.81
C GLU A 114 -4.38 -12.76 11.42
N HIS A 115 -4.65 -12.48 10.15
CA HIS A 115 -6.04 -12.22 9.78
C HIS A 115 -6.70 -13.44 9.12
N VAL A 116 -6.05 -14.02 8.12
CA VAL A 116 -6.58 -15.14 7.38
C VAL A 116 -6.79 -16.34 8.32
N GLN A 117 -7.97 -16.95 8.30
CA GLN A 117 -8.20 -18.17 9.09
C GLN A 117 -8.37 -19.38 8.21
N SER A 118 -8.25 -20.57 8.80
CA SER A 118 -8.55 -21.79 8.06
C SER A 118 -10.06 -21.83 7.77
N PHE A 119 -10.40 -22.38 6.61
CA PHE A 119 -11.77 -22.49 6.17
C PHE A 119 -12.38 -23.72 6.81
N SER A 120 -13.51 -23.53 7.45
CA SER A 120 -14.40 -24.61 7.84
C SER A 120 -15.67 -24.15 7.19
N GLY A 121 -16.54 -25.04 6.83
CA GLY A 121 -17.69 -24.60 6.05
C GLY A 121 -17.79 -25.36 4.75
N ASN A 122 -18.82 -25.00 3.98
CA ASN A 122 -19.20 -25.79 2.85
C ASN A 122 -18.95 -25.00 1.60
N ALA A 123 -18.74 -25.68 0.47
CA ALA A 123 -18.51 -25.04 -0.82
C ALA A 123 -19.60 -23.99 -1.03
N ALA A 124 -19.22 -22.83 -1.54
CA ALA A 124 -20.20 -21.76 -1.76
C ALA A 124 -21.16 -22.15 -2.88
N ALA A 125 -22.36 -21.59 -2.81
CA ALA A 125 -23.37 -21.65 -3.88
C ALA A 125 -23.11 -20.55 -4.91
N SER A 126 -23.66 -20.69 -6.10
CA SER A 126 -23.66 -19.62 -7.13
C SER A 126 -22.27 -19.12 -7.49
N LEU A 127 -21.35 -20.05 -7.76
CA LEU A 127 -19.97 -19.65 -8.07
C LEU A 127 -19.91 -18.84 -9.34
N THR A 128 -19.05 -17.82 -9.34
CA THR A 128 -18.82 -17.05 -10.57
C THR A 128 -17.73 -17.72 -11.43
N TYR A 129 -17.13 -18.77 -10.87
CA TYR A 129 -16.03 -19.46 -11.54
C TYR A 129 -16.25 -21.00 -11.62
N GLN A 130 -15.49 -21.65 -12.49
CA GLN A 130 -15.44 -23.12 -12.56
C GLN A 130 -13.98 -23.54 -12.50
N VAL A 131 -13.74 -24.66 -11.86
CA VAL A 131 -12.39 -25.23 -11.72
C VAL A 131 -12.35 -26.51 -12.51
N GLU A 132 -11.28 -26.70 -13.28
CA GLU A 132 -11.10 -27.92 -14.08
C GLU A 132 -9.72 -28.48 -13.79
N ILE A 133 -9.66 -29.78 -13.51
CA ILE A 133 -8.37 -30.46 -13.17
C ILE A 133 -8.07 -31.45 -14.28
N SER A 134 -6.89 -31.37 -14.88
CA SER A 134 -6.42 -32.39 -15.78
C SER A 134 -5.44 -33.27 -15.04
N ARG A 135 -5.42 -34.55 -15.36
CA ARG A 135 -4.67 -35.47 -14.52
C ARG A 135 -3.35 -35.93 -15.13
N GLN A 136 -3.26 -36.00 -16.45
CA GLN A 136 -2.07 -36.61 -17.09
C GLN A 136 -1.49 -35.72 -18.20
N PRO A 137 -0.65 -34.73 -17.85
CA PRO A 137 -0.09 -34.37 -16.56
C PRO A 137 -1.02 -33.44 -15.80
N PHE A 138 -0.72 -33.24 -14.52
CA PHE A 138 -1.55 -32.38 -13.69
C PHE A 138 -1.59 -30.95 -14.21
N SER A 139 -2.79 -30.39 -14.32
CA SER A 139 -2.90 -28.94 -14.38
C SER A 139 -4.22 -28.52 -13.72
N ILE A 140 -4.30 -27.26 -13.32
CA ILE A 140 -5.50 -26.69 -12.72
C ILE A 140 -5.87 -25.45 -13.48
N LYS A 141 -7.16 -25.31 -13.76
CA LYS A 141 -7.66 -24.18 -14.56
C LYS A 141 -8.83 -23.58 -13.80
N VAL A 142 -8.93 -22.26 -13.84
CA VAL A 142 -10.07 -21.59 -13.23
C VAL A 142 -10.60 -20.72 -14.35
N THR A 143 -11.86 -20.89 -14.65
CA THR A 143 -12.50 -20.14 -15.73
C THR A 143 -13.65 -19.33 -15.17
N ARG A 144 -13.94 -18.21 -15.82
CA ARG A 144 -15.08 -17.35 -15.50
C ARG A 144 -16.32 -18.03 -16.12
N ARG A 145 -17.34 -18.27 -15.32
CA ARG A 145 -18.52 -19.02 -15.76
CA ARG A 145 -18.50 -19.04 -15.76
C ARG A 145 -19.27 -18.31 -16.87
N SER A 146 -19.48 -17.02 -16.68
CA SER A 146 -20.29 -16.22 -17.62
C SER A 146 -19.84 -16.30 -19.09
N ASN A 147 -18.55 -16.14 -19.34
CA ASN A 147 -18.01 -16.12 -20.70
C ASN A 147 -16.98 -17.22 -21.01
N ASN A 148 -16.80 -18.15 -20.07
CA ASN A 148 -15.79 -19.22 -20.13
C ASN A 148 -14.36 -18.73 -20.37
N ARG A 149 -14.05 -17.50 -19.93
CA ARG A 149 -12.70 -16.95 -20.11
C ARG A 149 -11.77 -17.72 -19.17
N VAL A 150 -10.70 -18.29 -19.71
CA VAL A 150 -9.71 -18.97 -18.85
C VAL A 150 -8.90 -17.90 -18.13
N LEU A 151 -8.93 -17.94 -16.80
CA LEU A 151 -8.26 -16.94 -15.97
C LEU A 151 -6.93 -17.47 -15.44
N PHE A 152 -7.01 -18.60 -14.75
CA PHE A 152 -5.81 -19.30 -14.23
C PHE A 152 -5.71 -20.59 -15.03
N ASP A 153 -4.53 -20.89 -15.56
CA ASP A 153 -4.34 -22.16 -16.26
C ASP A 153 -2.87 -22.54 -16.10
N SER A 154 -2.61 -23.52 -15.25
CA SER A 154 -1.23 -23.96 -14.97
C SER A 154 -0.64 -24.86 -16.08
N SER A 155 -1.46 -25.25 -17.07
CA SER A 155 -1.01 -26.23 -18.06
C SER A 155 0.13 -25.74 -18.98
N ILE A 156 0.44 -24.44 -18.93
CA ILE A 156 1.56 -23.89 -19.71
C ILE A 156 2.92 -24.44 -19.24
N GLY A 157 2.99 -24.85 -17.98
CA GLY A 157 4.25 -25.29 -17.43
C GLY A 157 4.01 -26.41 -16.43
N PRO A 158 5.10 -26.94 -15.91
CA PRO A 158 5.06 -27.99 -14.90
C PRO A 158 4.67 -27.45 -13.54
N LEU A 159 4.21 -28.35 -12.68
CA LEU A 159 4.31 -28.11 -11.26
C LEU A 159 5.66 -28.65 -10.81
N LEU A 160 6.44 -27.83 -10.09
CA LEU A 160 7.73 -28.29 -9.52
C LEU A 160 7.60 -28.17 -8.02
N PHE A 161 7.98 -29.22 -7.28
CA PHE A 161 7.81 -29.18 -5.84
C PHE A 161 8.93 -29.96 -5.16
N ALA A 162 10.06 -29.30 -4.95
CA ALA A 162 11.13 -29.83 -4.07
C ALA A 162 11.14 -29.07 -2.77
N ASP A 163 11.88 -29.56 -1.77
CA ASP A 163 11.87 -28.93 -0.48
C ASP A 163 12.22 -27.44 -0.57
N GLN A 164 13.19 -27.10 -1.43
CA GLN A 164 13.60 -25.69 -1.54
C GLN A 164 13.46 -25.14 -2.92
N PHE A 165 12.50 -25.67 -3.68
CA PHE A 165 12.20 -25.12 -5.02
C PHE A 165 10.78 -25.52 -5.40
N LEU A 166 9.87 -24.55 -5.42
CA LEU A 166 8.46 -24.80 -5.76
C LEU A 166 8.11 -23.83 -6.88
N GLN A 167 7.48 -24.31 -7.95
CA GLN A 167 7.14 -23.44 -9.06
C GLN A 167 5.80 -23.84 -9.65
N LEU A 168 4.97 -22.83 -9.93
CA LEU A 168 3.77 -23.06 -10.76
C LEU A 168 3.59 -21.84 -11.64
N SER A 169 3.09 -22.05 -12.86
CA SER A 169 2.88 -20.97 -13.80
C SER A 169 1.40 -20.83 -14.08
N THR A 170 0.99 -19.70 -14.63
CA THR A 170 -0.37 -19.58 -15.14
C THR A 170 -0.40 -18.74 -16.42
N ARG A 171 -1.11 -19.22 -17.43
CA ARG A 171 -1.47 -18.33 -18.54
C ARG A 171 -2.30 -17.19 -17.97
N LEU A 172 -2.35 -16.09 -18.71
CA LEU A 172 -3.17 -14.95 -18.35
C LEU A 172 -4.01 -14.57 -19.53
N PRO A 173 -5.21 -14.03 -19.28
CA PRO A 173 -6.09 -13.68 -20.39
C PRO A 173 -5.79 -12.36 -21.09
N SER A 174 -4.90 -11.54 -20.51
CA SER A 174 -4.50 -10.29 -21.09
C SER A 174 -3.15 -9.84 -20.54
N THR A 175 -2.65 -8.78 -21.11
CA THR A 175 -1.43 -8.15 -20.64
C THR A 175 -1.68 -6.98 -19.68
N ASN A 176 -2.94 -6.75 -19.29
CA ASN A 176 -3.22 -5.67 -18.35
C ASN A 176 -3.03 -6.24 -16.95
N VAL A 177 -1.79 -6.21 -16.48
CA VAL A 177 -1.39 -6.91 -15.25
C VAL A 177 -0.77 -5.87 -14.30
N TYR A 178 -1.22 -5.81 -13.03
CA TYR A 178 -0.83 -4.71 -12.14
C TYR A 178 -0.55 -5.32 -10.78
N GLY A 179 0.51 -4.88 -10.10
CA GLY A 179 0.75 -5.41 -8.73
C GLY A 179 2.14 -5.97 -8.59
N LEU A 180 2.31 -6.84 -7.60
CA LEU A 180 3.61 -7.43 -7.20
C LEU A 180 4.41 -6.36 -6.50
N GLY A 181 5.23 -6.78 -5.54
CA GLY A 181 5.98 -5.79 -4.78
C GLY A 181 6.88 -6.47 -3.75
N GLU A 182 7.71 -5.70 -3.06
CA GLU A 182 7.86 -4.25 -3.29
C GLU A 182 8.97 -3.95 -4.28
N HIS A 183 8.68 -3.17 -5.33
CA HIS A 183 9.69 -2.89 -6.36
C HIS A 183 9.45 -1.47 -6.89
N VAL A 184 10.42 -0.97 -7.65
CA VAL A 184 10.17 0.22 -8.48
C VAL A 184 9.96 -0.33 -9.90
N HIS A 185 8.71 -0.45 -10.33
CA HIS A 185 8.44 -1.02 -11.67
C HIS A 185 8.62 0.02 -12.76
N GLN A 186 8.58 1.29 -12.37
CA GLN A 186 8.73 2.45 -13.25
C GLN A 186 7.44 2.72 -14.01
N GLN A 187 6.77 1.67 -14.47
CA GLN A 187 5.44 1.84 -15.07
C GLN A 187 4.44 1.11 -14.18
N TYR A 188 3.14 1.32 -14.38
CA TYR A 188 2.13 0.67 -13.58
C TYR A 188 1.64 -0.62 -14.26
N ARG A 189 1.32 -0.58 -15.56
CA ARG A 189 0.96 -1.84 -16.24
C ARG A 189 2.25 -2.60 -16.51
N HIS A 190 2.22 -3.87 -16.20
CA HIS A 190 3.48 -4.64 -16.27
C HIS A 190 4.04 -4.81 -17.65
N ASP A 191 5.36 -4.61 -17.75
CA ASP A 191 6.11 -5.10 -18.89
C ASP A 191 6.05 -6.62 -18.88
N MET A 192 5.25 -7.20 -19.79
CA MET A 192 5.19 -8.67 -19.90
C MET A 192 6.32 -9.29 -20.73
N ASN A 193 7.29 -8.48 -21.18
CA ASN A 193 8.36 -8.97 -22.04
C ASN A 193 9.59 -9.60 -21.35
N TRP A 194 9.40 -10.80 -20.81
CA TRP A 194 10.44 -11.58 -20.16
C TRP A 194 11.03 -10.70 -19.10
N LYS A 195 10.39 -10.66 -17.94
CA LYS A 195 10.87 -9.87 -16.81
C LYS A 195 10.79 -10.74 -15.57
N THR A 196 11.83 -10.69 -14.75
CA THR A 196 11.80 -11.45 -13.48
C THR A 196 11.89 -10.45 -12.32
N TRP A 197 10.96 -10.56 -11.34
CA TRP A 197 10.90 -9.69 -10.15
C TRP A 197 11.13 -10.48 -8.89
N PRO A 198 12.27 -10.26 -8.22
CA PRO A 198 12.54 -10.97 -6.98
C PRO A 198 11.81 -10.32 -5.80
N ILE A 199 11.34 -11.13 -4.85
CA ILE A 199 10.63 -10.63 -3.70
C ILE A 199 11.32 -11.21 -2.46
N PHE A 200 11.93 -10.34 -1.70
CA PHE A 200 12.63 -10.73 -0.44
C PHE A 200 12.97 -9.45 0.26
N ASN A 201 12.38 -9.25 1.44
CA ASN A 201 12.46 -8.01 2.17
C ASN A 201 13.87 -7.55 2.39
N ARG A 202 14.15 -6.37 1.87
CA ARG A 202 15.54 -5.91 1.80
C ARG A 202 15.62 -4.40 1.89
N ASP A 203 16.50 -3.92 2.76
CA ASP A 203 16.92 -2.52 2.81
C ASP A 203 17.79 -2.21 1.59
N THR A 204 17.18 -1.63 0.57
CA THR A 204 17.93 -1.24 -0.62
C THR A 204 17.29 -0.03 -1.22
N THR A 205 18.04 0.69 -2.04
CA THR A 205 17.53 1.93 -2.61
C THR A 205 16.47 1.65 -3.67
N PRO A 206 15.29 2.26 -3.52
CA PRO A 206 14.31 2.13 -4.59
C PRO A 206 14.81 2.92 -5.80
N ASN A 207 15.51 2.27 -6.70
CA ASN A 207 16.05 2.99 -7.86
C ASN A 207 15.68 2.28 -9.15
N GLY A 208 16.34 2.63 -10.25
CA GLY A 208 16.01 2.07 -11.54
C GLY A 208 16.48 0.66 -11.81
N ASN A 209 17.08 -0.01 -10.81
CA ASN A 209 17.61 -1.35 -11.00
C ASN A 209 16.64 -2.53 -10.81
N GLY A 210 15.41 -2.25 -10.44
CA GLY A 210 14.40 -3.32 -10.33
C GLY A 210 14.72 -4.43 -9.34
N THR A 211 15.32 -4.08 -8.21
CA THR A 211 15.61 -5.07 -7.17
C THR A 211 14.43 -5.35 -6.25
N ASN A 212 14.52 -6.45 -5.49
CA ASN A 212 13.68 -6.57 -4.32
C ASN A 212 13.91 -5.39 -3.36
N LEU A 213 12.83 -4.87 -2.76
CA LEU A 213 12.90 -3.76 -1.84
C LEU A 213 12.32 -4.19 -0.49
N TYR A 214 11.69 -3.26 0.22
CA TYR A 214 11.42 -3.46 1.67
C TYR A 214 10.38 -4.50 2.08
N GLY A 215 9.44 -4.77 1.16
CA GLY A 215 8.21 -5.52 1.46
C GLY A 215 7.96 -6.64 0.48
N ALA A 216 7.00 -7.50 0.78
CA ALA A 216 6.76 -8.68 0.00
C ALA A 216 5.28 -8.76 -0.25
N GLN A 217 4.91 -8.60 -1.51
CA GLN A 217 3.52 -8.50 -1.93
C GLN A 217 3.32 -9.30 -3.23
N THR A 218 2.69 -10.48 -3.11
CA THR A 218 2.59 -11.37 -4.23
C THR A 218 1.30 -11.18 -5.02
N PHE A 219 0.42 -10.29 -4.56
CA PHE A 219 -0.85 -10.08 -5.25
C PHE A 219 -0.67 -9.36 -6.61
N PHE A 220 -1.47 -9.78 -7.60
CA PHE A 220 -1.62 -9.02 -8.83
C PHE A 220 -3.08 -9.07 -9.28
N LEU A 221 -3.45 -8.09 -10.07
CA LEU A 221 -4.79 -7.93 -10.58
C LEU A 221 -4.61 -7.91 -12.10
N CYS A 222 -5.55 -8.54 -12.79
CA CYS A 222 -5.58 -8.55 -14.24
C CYS A 222 -6.94 -8.04 -14.73
N LEU A 223 -6.94 -6.99 -15.54
CA LEU A 223 -8.14 -6.50 -16.21
C LEU A 223 -8.28 -7.30 -17.51
N GLU A 224 -9.32 -8.12 -17.60
CA GLU A 224 -9.46 -9.09 -18.69
C GLU A 224 -9.79 -8.39 -20.00
N ASP A 225 -10.67 -7.40 -19.96
CA ASP A 225 -11.08 -6.70 -21.19
C ASP A 225 -11.82 -5.41 -20.86
N ALA A 226 -12.22 -4.68 -21.90
CA ALA A 226 -12.87 -3.38 -21.69
C ALA A 226 -14.24 -3.45 -20.99
N SER A 227 -14.80 -4.64 -20.74
CA SER A 227 -16.05 -4.72 -19.98
C SER A 227 -15.81 -4.40 -18.52
N GLY A 228 -14.55 -4.51 -18.09
CA GLY A 228 -14.23 -4.30 -16.67
C GLY A 228 -13.94 -5.60 -15.95
N LEU A 229 -14.36 -6.74 -16.53
CA LEU A 229 -14.23 -8.04 -15.84
C LEU A 229 -12.74 -8.21 -15.47
N SER A 230 -12.46 -8.59 -14.22
CA SER A 230 -11.06 -8.59 -13.76
C SER A 230 -10.92 -9.73 -12.79
N PHE A 231 -9.69 -10.17 -12.51
CA PHE A 231 -9.51 -11.20 -11.47
C PHE A 231 -8.16 -10.93 -10.81
N GLY A 232 -7.87 -11.63 -9.72
CA GLY A 232 -6.64 -11.36 -9.00
C GLY A 232 -6.12 -12.69 -8.47
N VAL A 233 -4.86 -12.72 -8.13
CA VAL A 233 -4.22 -13.97 -7.63
C VAL A 233 -3.33 -13.56 -6.48
N PHE A 234 -3.38 -14.32 -5.37
CA PHE A 234 -2.50 -14.03 -4.27
C PHE A 234 -1.86 -15.39 -3.93
N LEU A 235 -0.56 -15.35 -3.67
CA LEU A 235 0.18 -16.51 -3.18
C LEU A 235 0.54 -16.29 -1.69
N MET A 236 0.00 -17.11 -0.81
CA MET A 236 0.30 -16.99 0.62
C MET A 236 1.58 -17.78 0.86
N ASN A 237 2.72 -17.13 0.71
CA ASN A 237 4.05 -17.78 0.90
C ASN A 237 5.02 -16.64 1.27
N SER A 238 5.79 -16.84 2.36
CA SER A 238 6.77 -15.85 2.79
C SER A 238 8.28 -16.17 2.57
N ASN A 239 8.59 -17.22 1.79
CA ASN A 239 9.97 -17.54 1.43
C ASN A 239 10.46 -16.62 0.33
N ALA A 240 11.79 -16.52 0.17
CA ALA A 240 12.34 -15.81 -1.00
C ALA A 240 11.74 -16.34 -2.27
N MET A 241 11.34 -15.47 -3.19
CA MET A 241 10.74 -15.99 -4.40
C MET A 241 11.04 -15.00 -5.53
N GLU A 242 10.72 -15.39 -6.74
CA GLU A 242 10.69 -14.43 -7.83
C GLU A 242 9.51 -14.72 -8.73
N VAL A 243 9.06 -13.71 -9.47
CA VAL A 243 7.90 -13.90 -10.27
C VAL A 243 8.37 -13.58 -11.70
N VAL A 244 8.02 -14.44 -12.66
CA VAL A 244 8.57 -14.37 -14.00
C VAL A 244 7.42 -14.05 -14.93
N LEU A 245 7.53 -12.95 -15.64
CA LEU A 245 6.46 -12.50 -16.53
C LEU A 245 6.92 -12.71 -17.95
N GLN A 246 6.04 -13.23 -18.80
CA GLN A 246 6.43 -13.45 -20.20
C GLN A 246 5.28 -13.17 -21.12
N PRO A 247 5.58 -12.94 -22.42
CA PRO A 247 4.57 -12.39 -23.35
C PRO A 247 3.53 -13.36 -23.85
N ALA A 248 3.55 -14.62 -23.42
CA ALA A 248 2.47 -15.58 -23.74
C ALA A 248 1.04 -14.98 -23.86
N PRO A 249 0.54 -14.19 -22.81
CA PRO A 249 1.14 -13.80 -21.54
C PRO A 249 0.98 -14.85 -20.44
N ALA A 250 1.94 -14.85 -19.52
CA ALA A 250 1.92 -15.85 -18.45
C ALA A 250 2.78 -15.34 -17.32
N ILE A 251 2.53 -15.89 -16.13
CA ILE A 251 3.30 -15.55 -14.95
CA ILE A 251 3.29 -15.55 -14.92
C ILE A 251 3.70 -16.85 -14.26
N THR A 252 4.92 -16.87 -13.74
CA THR A 252 5.41 -18.04 -13.04
C THR A 252 5.83 -17.55 -11.66
N TYR A 253 5.45 -18.30 -10.61
CA TYR A 253 5.91 -18.01 -9.27
C TYR A 253 6.95 -19.10 -8.97
N ARG A 254 8.06 -18.67 -8.39
CA ARG A 254 9.19 -19.55 -8.11
CA ARG A 254 9.17 -19.58 -8.11
C ARG A 254 9.61 -19.26 -6.70
N THR A 255 9.32 -20.14 -5.74
CA THR A 255 9.68 -19.85 -4.35
C THR A 255 10.62 -20.94 -3.79
N ILE A 256 11.35 -20.62 -2.74
CA ILE A 256 12.36 -21.58 -2.27
C ILE A 256 11.97 -22.23 -0.92
N GLY A 257 10.68 -22.18 -0.59
CA GLY A 257 10.24 -23.00 0.53
C GLY A 257 8.77 -22.92 0.72
N GLY A 258 8.33 -23.40 1.87
CA GLY A 258 6.93 -23.44 2.25
C GLY A 258 6.07 -24.27 1.31
N ILE A 259 4.89 -23.73 1.02
CA ILE A 259 3.90 -24.47 0.24
C ILE A 259 3.31 -23.52 -0.81
N LEU A 260 2.65 -24.08 -1.82
CA LEU A 260 1.98 -23.22 -2.80
C LEU A 260 0.53 -23.05 -2.37
N ASP A 261 0.20 -21.91 -1.77
CA ASP A 261 -1.13 -21.71 -1.20
C ASP A 261 -1.72 -20.52 -1.96
N PHE A 262 -2.67 -20.79 -2.86
CA PHE A 262 -3.06 -19.78 -3.86
C PHE A 262 -4.53 -19.42 -3.64
N TYR A 263 -4.85 -18.15 -3.87
CA TYR A 263 -6.26 -17.68 -3.90
C TYR A 263 -6.46 -17.02 -5.23
N VAL A 264 -7.67 -17.16 -5.79
CA VAL A 264 -7.98 -16.55 -7.07
C VAL A 264 -9.31 -15.80 -6.82
N PHE A 265 -9.42 -14.55 -7.30
CA PHE A 265 -10.53 -13.67 -6.92
C PHE A 265 -11.11 -13.20 -8.22
N LEU A 266 -12.44 -13.16 -8.32
CA LEU A 266 -13.06 -12.65 -9.55
C LEU A 266 -13.88 -11.45 -9.19
N GLY A 267 -13.98 -10.49 -10.10
CA GLY A 267 -14.80 -9.33 -9.83
C GLY A 267 -15.33 -8.83 -11.16
N ASN A 268 -16.34 -7.97 -11.09
CA ASN A 268 -16.89 -7.39 -12.30
C ASN A 268 -16.17 -6.15 -12.75
N THR A 269 -15.32 -5.62 -11.87
CA THR A 269 -14.50 -4.43 -12.10
C THR A 269 -13.18 -4.61 -11.35
N PRO A 270 -12.14 -3.82 -11.71
CA PRO A 270 -10.88 -3.86 -10.93
C PRO A 270 -11.09 -3.57 -9.44
N GLU A 271 -11.94 -2.59 -9.10
CA GLU A 271 -12.24 -2.30 -7.69
C GLU A 271 -12.81 -3.51 -6.92
N GLN A 272 -13.70 -4.26 -7.56
CA GLN A 272 -14.29 -5.43 -6.90
C GLN A 272 -13.24 -6.51 -6.62
N VAL A 273 -12.25 -6.63 -7.50
CA VAL A 273 -11.12 -7.60 -7.29
C VAL A 273 -10.33 -7.18 -6.05
N VAL A 274 -10.00 -5.88 -5.98
CA VAL A 274 -9.31 -5.37 -4.79
C VAL A 274 -10.16 -5.63 -3.54
N GLN A 275 -11.47 -5.34 -3.61
CA GLN A 275 -12.34 -5.63 -2.47
C GLN A 275 -12.29 -7.12 -2.09
N GLU A 276 -12.29 -8.00 -3.08
CA GLU A 276 -12.25 -9.45 -2.77
C GLU A 276 -10.94 -9.85 -2.11
N TYR A 277 -9.84 -9.31 -2.64
CA TYR A 277 -8.48 -9.55 -2.04
C TYR A 277 -8.43 -9.07 -0.57
N LEU A 278 -8.92 -7.86 -0.31
CA LEU A 278 -8.88 -7.27 1.03
C LEU A 278 -9.83 -7.94 2.02
N GLU A 279 -10.96 -8.43 1.51
CA GLU A 279 -11.87 -9.23 2.34
C GLU A 279 -11.14 -10.45 2.88
N LEU A 280 -10.29 -11.03 2.05
CA LEU A 280 -9.45 -12.17 2.49
C LEU A 280 -8.36 -11.72 3.48
N ILE A 281 -7.50 -10.82 3.03
CA ILE A 281 -6.22 -10.56 3.72
C ILE A 281 -6.33 -9.55 4.85
N GLY A 282 -7.43 -8.79 4.91
CA GLY A 282 -7.58 -7.77 5.94
C GLY A 282 -7.66 -6.40 5.29
N ARG A 283 -8.78 -5.70 5.52
CA ARG A 283 -8.92 -4.33 5.00
C ARG A 283 -8.07 -3.37 5.80
N PRO A 284 -7.67 -2.25 5.17
CA PRO A 284 -6.82 -1.32 5.92
C PRO A 284 -7.48 -0.66 7.11
N ALA A 285 -6.68 -0.31 8.11
CA ALA A 285 -7.13 0.46 9.24
C ALA A 285 -7.67 1.81 8.78
N LEU A 286 -8.69 2.31 9.47
CA LEU A 286 -9.10 3.70 9.27
C LEU A 286 -8.08 4.54 10.00
N PRO A 287 -7.45 5.48 9.28
CA PRO A 287 -6.43 6.29 9.95
C PRO A 287 -7.07 7.30 10.91
N SER A 288 -6.25 7.80 11.84
CA SER A 288 -6.63 8.99 12.59
C SER A 288 -6.76 10.09 11.57
N TYR A 289 -7.75 10.94 11.76
CA TYR A 289 -7.97 12.00 10.76
C TYR A 289 -6.74 12.92 10.66
N TRP A 290 -6.01 13.09 11.78
CA TRP A 290 -4.82 13.95 11.74
C TRP A 290 -3.68 13.43 10.86
N ALA A 291 -3.63 12.10 10.70
CA ALA A 291 -2.60 11.44 9.87
C ALA A 291 -2.78 11.77 8.39
N LEU A 292 -3.96 12.26 8.02
CA LEU A 292 -4.23 12.67 6.63
C LEU A 292 -3.63 14.04 6.34
N GLY A 293 -3.17 14.73 7.37
CA GLY A 293 -2.57 16.04 7.15
C GLY A 293 -1.17 15.93 6.60
N PHE A 294 -0.48 17.05 6.56
CA PHE A 294 0.87 17.07 6.03
C PHE A 294 1.85 16.73 7.17
N HIS A 295 2.86 15.92 6.87
CA HIS A 295 3.88 15.47 7.83
C HIS A 295 5.24 16.06 7.42
N LEU A 296 6.06 16.45 8.40
CA LEU A 296 7.38 17.02 8.07
C LEU A 296 8.45 16.27 8.90
N SER A 297 9.60 16.06 8.32
CA SER A 297 10.59 15.14 8.92
C SER A 297 11.96 15.42 8.33
N ARG A 298 13.02 15.08 9.07
CA ARG A 298 14.29 14.87 8.39
C ARG A 298 15.14 14.00 9.25
N TYR A 299 16.10 13.38 8.60
CA TYR A 299 17.11 12.61 9.29
C TYR A 299 18.16 13.66 9.69
N GLU A 300 18.40 13.77 10.99
CA GLU A 300 19.45 14.62 11.54
C GLU A 300 19.13 16.11 11.40
N TYR A 301 18.11 16.56 12.13
CA TYR A 301 18.08 17.96 12.59
C TYR A 301 19.29 18.21 13.47
N GLY A 302 19.71 17.19 14.23
CA GLY A 302 20.95 17.28 15.02
C GLY A 302 20.67 17.69 16.44
N THR A 303 19.87 18.75 16.58
CA THR A 303 19.44 19.27 17.86
C THR A 303 17.97 19.64 17.84
N LEU A 304 17.39 19.69 19.04
CA LEU A 304 16.02 20.13 19.20
C LEU A 304 15.85 21.58 18.78
N ASP A 305 16.86 22.41 19.05
CA ASP A 305 16.87 23.82 18.59
C ASP A 305 16.72 23.92 17.08
N ASN A 306 17.46 23.09 16.36
CA ASN A 306 17.36 23.00 14.90
C ASN A 306 16.00 22.48 14.45
N MET A 307 15.48 21.45 15.11
CA MET A 307 14.12 20.95 14.80
C MET A 307 13.09 22.05 15.06
N ARG A 308 13.20 22.69 16.22
CA ARG A 308 12.30 23.76 16.68
C ARG A 308 12.33 24.95 15.69
N GLU A 309 13.52 25.27 15.15
CA GLU A 309 13.65 26.33 14.13
C GLU A 309 12.92 26.00 12.83
N VAL A 310 13.04 24.75 12.39
CA VAL A 310 12.30 24.27 11.23
C VAL A 310 10.79 24.32 11.46
N VAL A 311 10.34 23.75 12.60
CA VAL A 311 8.92 23.77 12.97
C VAL A 311 8.41 25.22 12.90
N GLU A 312 9.13 26.13 13.53
CA GLU A 312 8.64 27.50 13.64
C GLU A 312 8.55 28.27 12.31
N ARG A 313 9.52 28.09 11.42
CA ARG A 313 9.44 28.81 10.13
C ARG A 313 8.30 28.30 9.22
N ASN A 314 8.04 27.00 9.28
CA ASN A 314 6.83 26.47 8.58
C ASN A 314 5.50 26.87 9.19
N ARG A 315 5.42 26.92 10.52
CA ARG A 315 4.25 27.48 11.22
C ARG A 315 4.09 28.98 10.93
N ALA A 316 5.20 29.73 10.92
CA ALA A 316 5.18 31.19 10.57
C ALA A 316 4.64 31.42 9.16
N ALA A 317 4.91 30.48 8.27
CA ALA A 317 4.42 30.55 6.89
C ALA A 317 2.95 30.13 6.72
N GLN A 318 2.28 29.72 7.81
CA GLN A 318 0.89 29.20 7.80
C GLN A 318 0.74 27.97 6.90
N LEU A 319 1.76 27.13 6.92
CA LEU A 319 1.72 25.87 6.16
C LEU A 319 0.73 24.92 6.82
N PRO A 320 -0.18 24.32 6.03
CA PRO A 320 -0.97 23.26 6.63
C PRO A 320 0.03 22.18 7.08
N TYR A 321 -0.03 21.76 8.33
CA TYR A 321 1.12 21.05 8.90
C TYR A 321 0.72 20.39 10.21
N ASP A 322 0.41 19.10 10.13
CA ASP A 322 -0.19 18.42 11.27
C ASP A 322 0.82 17.66 12.12
N VAL A 323 1.86 17.13 11.46
CA VAL A 323 2.69 16.14 12.12
C VAL A 323 4.15 16.45 11.97
N GLN A 324 4.89 16.34 13.09
CA GLN A 324 6.33 16.48 13.02
C GLN A 324 6.91 15.10 13.36
N HIS A 325 7.88 14.62 12.55
CA HIS A 325 8.54 13.33 12.85
C HIS A 325 9.92 13.60 13.47
N ALA A 326 10.33 12.75 14.40
CA ALA A 326 11.62 12.91 15.04
C ALA A 326 12.32 11.60 14.67
N ASP A 327 13.43 11.73 13.96
CA ASP A 327 14.24 10.59 13.47
C ASP A 327 15.29 10.25 14.54
N ILE A 328 16.25 9.39 14.22
CA ILE A 328 17.10 8.83 15.29
C ILE A 328 17.98 9.83 16.00
N ASP A 329 18.10 11.04 15.46
CA ASP A 329 18.84 12.10 16.16
C ASP A 329 18.24 12.48 17.54
N TYR A 330 16.96 12.18 17.80
CA TYR A 330 16.38 12.53 19.12
C TYR A 330 16.94 11.65 20.21
N MET A 331 17.41 10.47 19.82
CA MET A 331 17.80 9.42 20.75
C MET A 331 19.15 9.73 21.42
N ASP A 332 19.41 9.08 22.55
CA ASP A 332 20.74 9.12 23.19
C ASP A 332 21.61 8.08 22.49
N GLU A 333 22.51 8.56 21.64
CA GLU A 333 23.39 7.71 20.84
C GLU A 333 22.62 6.66 20.00
N ARG A 334 21.53 7.12 19.35
CA ARG A 334 20.78 6.28 18.42
C ARG A 334 20.13 5.01 19.01
N ARG A 335 19.86 5.05 20.33
CA ARG A 335 19.20 3.94 21.03
C ARG A 335 17.73 4.21 21.31
N ASP A 336 16.88 3.23 20.99
CA ASP A 336 15.41 3.34 21.21
C ASP A 336 15.12 3.67 22.66
N PHE A 337 14.04 4.40 22.89
CA PHE A 337 13.45 4.65 24.21
C PHE A 337 14.32 5.48 25.16
N THR A 338 15.11 6.36 24.56
CA THR A 338 15.91 7.36 25.23
C THR A 338 15.78 8.63 24.40
N TYR A 339 16.14 9.75 24.98
CA TYR A 339 16.43 10.91 24.19
C TYR A 339 17.73 11.55 24.67
N ASP A 340 18.37 12.29 23.76
CA ASP A 340 19.66 12.94 24.03
C ASP A 340 19.43 14.10 25.00
N SER A 341 19.87 13.92 26.25
CA SER A 341 19.62 14.89 27.31
C SER A 341 20.37 16.21 27.12
N VAL A 342 21.33 16.25 26.20
CA VAL A 342 22.03 17.49 25.86
C VAL A 342 21.47 18.11 24.58
N ASP A 343 21.57 17.41 23.46
CA ASP A 343 21.10 18.00 22.19
C ASP A 343 19.58 18.10 22.09
N PHE A 344 18.87 17.22 22.80
CA PHE A 344 17.41 17.25 22.87
C PHE A 344 16.91 17.53 24.29
N LYS A 345 17.67 18.35 25.01
CA LYS A 345 17.26 18.79 26.36
C LYS A 345 16.00 19.62 26.19
N GLY A 346 14.99 19.34 27.00
CA GLY A 346 13.71 20.03 26.85
C GLY A 346 12.78 19.42 25.82
N PHE A 347 13.08 18.19 25.40
CA PHE A 347 12.19 17.42 24.50
C PHE A 347 10.73 17.38 25.01
N PRO A 348 10.50 17.05 26.32
CA PRO A 348 9.12 17.07 26.79
C PRO A 348 8.42 18.42 26.67
N GLU A 349 9.15 19.52 26.85
CA GLU A 349 8.55 20.86 26.69
C GLU A 349 8.16 21.11 25.22
N PHE A 350 8.98 20.60 24.32
CA PHE A 350 8.75 20.79 22.86
C PHE A 350 7.51 20.02 22.42
N VAL A 351 7.32 18.84 22.98
CA VAL A 351 6.12 18.01 22.75
C VAL A 351 4.86 18.79 23.19
N ASN A 352 4.90 19.42 24.37
CA ASN A 352 3.79 20.31 24.80
C ASN A 352 3.52 21.43 23.80
N GLU A 353 4.58 22.05 23.30
CA GLU A 353 4.45 23.12 22.27
C GLU A 353 3.74 22.62 21.02
N LEU A 354 4.14 21.44 20.53
CA LEU A 354 3.49 20.85 19.34
C LEU A 354 2.02 20.67 19.67
N HIS A 355 1.75 20.08 20.84
CA HIS A 355 0.37 19.75 21.20
C HIS A 355 -0.48 21.01 21.34
N ASN A 356 0.10 22.02 22.00
CA ASN A 356 -0.59 23.33 22.12
C ASN A 356 -0.89 23.98 20.78
N ASN A 357 -0.07 23.67 19.77
CA ASN A 357 -0.25 24.23 18.42
C ASN A 357 -1.16 23.36 17.54
N GLY A 358 -1.72 22.33 18.16
CA GLY A 358 -2.62 21.37 17.52
C GLY A 358 -1.90 20.41 16.59
N GLN A 359 -0.61 20.18 16.83
CA GLN A 359 0.18 19.23 16.06
C GLN A 359 0.49 17.94 16.82
N LYS A 360 1.09 16.99 16.09
CA LYS A 360 1.31 15.66 16.61
C LYS A 360 2.79 15.32 16.46
N LEU A 361 3.29 14.47 17.34
CA LEU A 361 4.68 14.03 17.25
C LEU A 361 4.66 12.56 16.87
N VAL A 362 5.45 12.19 15.87
CA VAL A 362 5.62 10.80 15.51
C VAL A 362 7.10 10.53 15.72
N ILE A 363 7.42 9.51 16.50
CA ILE A 363 8.83 9.12 16.74
C ILE A 363 9.22 7.85 15.99
N ILE A 364 10.45 7.81 15.50
CA ILE A 364 10.98 6.61 14.88
C ILE A 364 11.40 5.70 16.03
N VAL A 365 11.14 4.40 15.85
CA VAL A 365 11.59 3.35 16.75
C VAL A 365 12.16 2.27 15.78
N ASP A 366 13.34 1.76 16.11
CA ASP A 366 14.01 0.73 15.30
C ASP A 366 13.79 -0.58 16.04
N PRO A 367 13.79 -1.72 15.32
CA PRO A 367 13.63 -2.93 16.10
C PRO A 367 14.90 -3.26 16.91
N ALA A 368 16.07 -2.99 16.34
CA ALA A 368 17.29 -3.56 16.95
C ALA A 368 17.61 -2.82 18.24
N ILE A 369 18.05 -3.57 19.25
CA ILE A 369 18.24 -3.04 20.58
C ILE A 369 19.73 -3.20 20.97
N SER A 370 20.34 -2.11 21.43
CA SER A 370 21.75 -2.08 21.81
C SER A 370 21.96 -3.15 22.87
N ASN A 371 23.01 -3.96 22.75
CA ASN A 371 23.27 -4.96 23.82
C ASN A 371 24.31 -4.46 24.80
N ASN A 372 24.59 -3.18 24.75
CA ASN A 372 25.62 -2.58 25.60
C ASN A 372 24.98 -2.12 26.90
N SER A 373 25.10 -2.97 27.92
CA SER A 373 24.55 -2.67 29.22
C SER A 373 25.42 -3.31 30.30
N SER A 374 25.60 -2.58 31.40
CA SER A 374 26.37 -3.07 32.56
C SER A 374 25.71 -2.53 33.83
N SER A 375 26.12 -3.01 35.01
CA SER A 375 25.66 -2.41 36.27
C SER A 375 26.02 -0.92 36.37
N SER A 376 27.19 -0.57 35.85
CA SER A 376 27.66 0.81 35.80
C SER A 376 26.67 1.70 35.03
N LYS A 377 26.41 1.35 33.77
CA LYS A 377 25.46 2.09 32.94
C LYS A 377 24.41 1.12 32.39
N PRO A 378 23.30 0.89 33.12
CA PRO A 378 22.31 -0.04 32.59
C PRO A 378 21.62 0.52 31.35
N TYR A 379 21.28 -0.35 30.41
CA TYR A 379 20.39 0.07 29.30
C TYR A 379 19.10 -0.71 29.43
N GLY A 380 18.09 -0.06 30.01
CA GLY A 380 16.81 -0.67 30.37
C GLY A 380 16.13 -1.61 29.39
N PRO A 381 15.89 -1.16 28.13
CA PRO A 381 15.21 -2.00 27.11
C PRO A 381 15.91 -3.35 26.85
N TYR A 382 17.23 -3.34 26.85
CA TYR A 382 18.01 -4.56 26.68
C TYR A 382 17.92 -5.46 27.92
N ASP A 383 18.12 -4.91 29.12
CA ASP A 383 17.98 -5.72 30.36
C ASP A 383 16.61 -6.36 30.47
N ARG A 384 15.55 -5.55 30.27
CA ARG A 384 14.18 -6.05 30.34
C ARG A 384 13.89 -7.10 29.29
N GLY A 385 14.37 -6.88 28.05
CA GLY A 385 14.21 -7.88 26.97
C GLY A 385 14.96 -9.19 27.21
N SER A 386 16.18 -9.08 27.73
CA SER A 386 16.96 -10.28 28.09
C SER A 386 16.30 -11.03 29.22
N ASP A 387 15.75 -10.30 30.19
CA ASP A 387 15.00 -10.91 31.32
C ASP A 387 13.85 -11.80 30.81
N MET A 388 13.17 -11.30 29.77
CA MET A 388 12.01 -11.95 29.20
C MET A 388 12.36 -12.92 28.08
N LYS A 389 13.62 -12.89 27.66
CA LYS A 389 14.14 -13.86 26.71
C LYS A 389 13.40 -13.81 25.36
N ILE A 390 13.23 -12.59 24.84
CA ILE A 390 12.39 -12.36 23.66
C ILE A 390 13.22 -11.96 22.42
N TRP A 391 14.53 -12.27 22.42
CA TRP A 391 15.37 -12.01 21.22
C TRP A 391 15.33 -13.10 20.18
N VAL A 392 15.62 -12.74 18.92
CA VAL A 392 15.86 -13.71 17.88
C VAL A 392 17.15 -14.46 18.28
N ASN A 393 17.14 -15.77 18.20
CA ASN A 393 18.32 -16.56 18.60
C ASN A 393 19.08 -17.00 17.39
N SER A 394 20.38 -17.24 17.58
CA SER A 394 21.20 -17.95 16.59
C SER A 394 20.71 -19.39 16.41
N SER A 395 21.34 -20.11 15.50
CA SER A 395 20.87 -21.42 15.13
C SER A 395 20.96 -22.47 16.26
N ASP A 396 21.79 -22.24 17.28
CA ASP A 396 21.80 -23.13 18.47
C ASP A 396 20.46 -23.10 19.25
N GLY A 397 19.61 -22.14 18.89
CA GLY A 397 18.30 -22.03 19.48
C GLY A 397 18.28 -21.41 20.87
N VAL A 398 19.43 -20.95 21.37
CA VAL A 398 19.48 -20.42 22.75
C VAL A 398 20.25 -19.12 22.97
N THR A 399 21.12 -18.80 22.04
CA THR A 399 21.95 -17.62 22.16
C THR A 399 21.37 -16.51 21.29
N PRO A 400 21.03 -15.35 21.89
CA PRO A 400 20.58 -14.21 21.06
C PRO A 400 21.56 -13.88 19.93
N LEU A 401 21.01 -13.72 18.73
CA LEU A 401 21.84 -13.36 17.58
C LEU A 401 22.29 -11.92 17.72
N ILE A 402 23.57 -11.66 17.46
CA ILE A 402 24.10 -10.31 17.52
C ILE A 402 24.40 -9.78 16.14
N GLY A 403 23.84 -8.62 15.82
CA GLY A 403 24.18 -7.97 14.57
C GLY A 403 24.61 -6.56 14.90
N GLU A 404 24.45 -5.63 13.95
CA GLU A 404 24.86 -4.27 14.16
C GLU A 404 23.87 -3.33 13.46
N VAL A 405 23.34 -2.35 14.17
CA VAL A 405 22.54 -1.31 13.46
C VAL A 405 22.99 0.04 14.00
N TRP A 406 22.10 1.01 14.13
CA TRP A 406 22.49 2.38 14.45
C TRP A 406 23.28 2.54 15.77
N PRO A 407 22.84 1.92 16.87
CA PRO A 407 23.60 2.16 18.11
C PRO A 407 24.96 1.41 18.20
N GLY A 408 25.28 0.59 17.21
CA GLY A 408 26.40 -0.38 17.35
C GLY A 408 25.86 -1.81 17.42
N GLN A 409 26.54 -2.71 18.15
CA GLN A 409 26.08 -4.10 18.31
C GLN A 409 24.68 -4.14 18.89
N THR A 410 23.87 -5.06 18.38
CA THR A 410 22.47 -5.13 18.78
C THR A 410 21.97 -6.54 18.75
N VAL A 411 20.93 -6.77 19.53
CA VAL A 411 20.07 -7.94 19.42
C VAL A 411 18.74 -7.51 18.75
N PHE A 412 17.93 -8.47 18.35
CA PHE A 412 16.73 -8.20 17.55
C PHE A 412 15.54 -8.84 18.25
N PRO A 413 14.47 -8.06 18.49
CA PRO A 413 13.30 -8.66 19.12
C PRO A 413 12.64 -9.68 18.23
N ASP A 414 12.07 -10.71 18.86
CA ASP A 414 11.37 -11.73 18.09
C ASP A 414 9.90 -11.40 18.27
N TYR A 415 9.38 -10.60 17.35
CA TYR A 415 8.00 -10.13 17.52
C TYR A 415 6.95 -11.20 17.26
N THR A 416 7.39 -12.37 16.78
CA THR A 416 6.48 -13.51 16.59
C THR A 416 6.13 -14.20 17.91
N ASN A 417 6.92 -13.93 18.94
CA ASN A 417 6.65 -14.37 20.29
C ASN A 417 5.65 -13.42 20.98
N PRO A 418 4.45 -13.93 21.41
CA PRO A 418 3.45 -13.08 22.12
C PRO A 418 4.02 -12.31 23.30
N ASN A 419 4.98 -12.92 24.00
CA ASN A 419 5.65 -12.27 25.12
C ASN A 419 6.49 -11.07 24.69
N CYS A 420 6.96 -11.07 23.43
CA CYS A 420 7.72 -9.95 22.91
C CYS A 420 6.86 -8.69 22.81
N ALA A 421 5.61 -8.86 22.42
CA ALA A 421 4.68 -7.74 22.41
C ALA A 421 4.42 -7.21 23.82
N VAL A 422 4.45 -8.06 24.83
CA VAL A 422 4.32 -7.57 26.20
C VAL A 422 5.52 -6.70 26.54
N TRP A 423 6.71 -7.14 26.18
CA TRP A 423 7.95 -6.40 26.44
C TRP A 423 7.92 -5.06 25.69
N TRP A 424 7.52 -5.12 24.42
CA TRP A 424 7.51 -3.95 23.56
C TRP A 424 6.53 -2.94 24.12
N THR A 425 5.36 -3.40 24.51
CA THR A 425 4.32 -2.52 25.06
C THR A 425 4.86 -1.76 26.29
N LYS A 426 5.52 -2.48 27.20
CA LYS A 426 6.08 -1.86 28.40
C LYS A 426 7.15 -0.84 28.08
N GLU A 427 7.97 -1.09 27.06
CA GLU A 427 9.00 -0.13 26.69
C GLU A 427 8.37 1.18 26.18
N PHE A 428 7.34 1.06 25.38
CA PHE A 428 6.61 2.25 24.95
C PHE A 428 5.87 2.98 26.07
N GLU A 429 5.31 2.25 27.03
CA GLU A 429 4.62 2.88 28.16
C GLU A 429 5.61 3.71 28.94
N LEU A 430 6.76 3.10 29.24
CA LEU A 430 7.80 3.80 29.96
C LEU A 430 8.30 5.04 29.23
N PHE A 431 8.56 4.92 27.93
CA PHE A 431 9.03 6.06 27.17
C PHE A 431 7.95 7.13 27.00
N HIS A 432 6.70 6.70 26.88
CA HIS A 432 5.58 7.67 26.70
C HIS A 432 5.36 8.50 27.98
N ASN A 433 5.75 7.92 29.12
CA ASN A 433 5.73 8.68 30.37
C ASN A 433 6.72 9.86 30.38
N GLN A 434 7.75 9.79 29.54
CA GLN A 434 8.75 10.85 29.37
C GLN A 434 8.45 11.77 28.18
N VAL A 435 8.16 11.18 27.02
CA VAL A 435 7.95 11.95 25.78
C VAL A 435 6.56 11.54 25.28
N GLU A 436 5.61 12.48 25.22
CA GLU A 436 4.23 12.07 24.97
C GLU A 436 3.94 12.12 23.47
N PHE A 437 4.58 11.20 22.75
CA PHE A 437 4.46 11.07 21.29
C PHE A 437 3.07 10.54 20.95
N ASP A 438 2.63 10.77 19.71
CA ASP A 438 1.26 10.48 19.26
C ASP A 438 1.17 9.28 18.31
N GLY A 439 2.29 8.89 17.75
CA GLY A 439 2.31 7.79 16.78
C GLY A 439 3.74 7.32 16.63
N ILE A 440 3.91 6.21 15.91
CA ILE A 440 5.19 5.48 15.88
C ILE A 440 5.56 5.17 14.45
N TRP A 441 6.82 5.39 14.12
CA TRP A 441 7.33 5.11 12.80
C TRP A 441 8.36 3.98 12.97
N ILE A 442 8.01 2.78 12.49
CA ILE A 442 8.89 1.58 12.66
C ILE A 442 9.66 1.39 11.37
N ASP A 443 10.99 1.40 11.49
CA ASP A 443 11.88 1.45 10.36
C ASP A 443 12.92 0.32 10.49
N MET A 444 13.68 0.11 9.43
CA MET A 444 14.81 -0.84 9.44
C MET A 444 14.32 -2.25 9.78
N ASN A 445 13.04 -2.52 9.48
CA ASN A 445 12.42 -3.74 9.94
C ASN A 445 12.23 -4.85 8.90
N GLU A 446 13.15 -4.89 7.93
CA GLU A 446 13.22 -5.99 6.96
C GLU A 446 13.54 -7.40 7.50
N VAL A 447 14.42 -7.59 8.49
CA VAL A 447 15.13 -6.62 9.28
C VAL A 447 16.49 -6.23 8.64
N SER A 448 16.86 -4.96 8.78
CA SER A 448 18.11 -4.41 8.27
C SER A 448 19.24 -4.63 9.30
N ASN A 449 20.33 -5.20 8.79
CA ASN A 449 21.54 -5.49 9.58
C ASN A 449 22.73 -4.86 8.80
N PHE A 450 23.63 -4.18 9.53
CA PHE A 450 24.77 -3.51 8.92
C PHE A 450 25.92 -4.49 8.68
N VAL A 451 25.81 -5.67 9.29
CA VAL A 451 26.67 -6.79 8.98
C VAL A 451 25.83 -7.85 8.25
N ASP A 452 26.47 -8.74 7.52
CA ASP A 452 25.73 -9.76 6.78
C ASP A 452 25.51 -10.95 7.68
N GLY A 453 24.26 -11.12 8.13
CA GLY A 453 23.92 -12.29 8.94
C GLY A 453 24.01 -12.04 10.44
N SER A 454 25.22 -11.95 10.95
CA SER A 454 25.46 -11.65 12.35
C SER A 454 26.93 -11.19 12.42
N VAL A 455 27.35 -10.71 13.58
CA VAL A 455 28.70 -10.20 13.73
C VAL A 455 29.74 -11.34 13.48
N SER A 456 29.29 -12.58 13.42
CA SER A 456 30.20 -13.70 13.09
C SER A 456 29.86 -14.40 11.76
N GLY A 457 29.11 -13.68 10.90
CA GLY A 457 28.71 -14.21 9.61
C GLY A 457 27.63 -15.28 9.76
N CYS A 458 27.57 -16.18 8.78
CA CYS A 458 26.56 -17.24 8.71
C CYS A 458 27.24 -18.54 8.38
N SER A 459 26.86 -19.62 9.05
CA SER A 459 27.36 -20.96 8.67
C SER A 459 26.95 -21.35 7.26
N THR A 460 27.82 -22.09 6.58
CA THR A 460 27.50 -22.67 5.28
C THR A 460 26.55 -23.84 5.54
N ASN A 461 25.32 -23.75 5.01
CA ASN A 461 24.33 -24.81 5.14
C ASN A 461 23.21 -24.52 4.10
N ASN A 462 22.23 -25.42 3.99
CA ASN A 462 21.19 -25.30 2.94
C ASN A 462 20.25 -24.09 3.13
N LEU A 463 20.22 -23.51 4.33
CA LEU A 463 19.38 -22.32 4.64
C LEU A 463 20.11 -21.07 4.23
N ASN A 464 21.38 -20.93 4.65
CA ASN A 464 22.14 -19.73 4.24
C ASN A 464 22.60 -19.74 2.80
N ASN A 465 22.71 -20.94 2.26
CA ASN A 465 23.24 -21.19 0.93
C ASN A 465 22.37 -22.24 0.24
N PRO A 466 21.16 -21.81 -0.18
CA PRO A 466 20.26 -22.83 -0.72
C PRO A 466 20.61 -23.28 -2.14
N PRO A 467 20.00 -24.40 -2.62
CA PRO A 467 20.27 -24.91 -3.97
C PRO A 467 19.94 -23.91 -5.09
N PHE A 468 18.84 -23.16 -4.92
CA PHE A 468 18.51 -22.09 -5.85
C PHE A 468 18.30 -20.77 -5.08
N THR A 469 18.89 -19.69 -5.59
CA THR A 469 18.71 -18.37 -5.01
C THR A 469 18.03 -17.50 -6.07
N PRO A 470 16.84 -16.95 -5.75
CA PRO A 470 16.18 -16.00 -6.66
C PRO A 470 17.13 -14.83 -6.88
N ARG A 471 16.92 -14.03 -7.93
CA ARG A 471 17.84 -12.93 -8.25
C ARG A 471 17.71 -11.70 -7.32
N ILE A 472 17.78 -11.94 -6.01
CA ILE A 472 17.78 -10.88 -5.03
C ILE A 472 19.08 -10.07 -5.07
N LEU A 473 18.98 -8.81 -4.65
CA LEU A 473 20.13 -7.94 -4.64
C LEU A 473 21.29 -8.59 -3.87
N ASP A 474 22.45 -8.65 -4.51
CA ASP A 474 23.70 -9.23 -3.96
C ASP A 474 23.80 -10.76 -3.98
N GLY A 475 22.69 -11.42 -4.31
CA GLY A 475 22.70 -12.86 -4.51
C GLY A 475 22.87 -13.78 -3.30
N TYR A 476 22.80 -13.24 -2.10
CA TYR A 476 22.79 -14.07 -0.90
C TYR A 476 21.67 -13.62 -0.02
N LEU A 477 20.92 -14.57 0.52
CA LEU A 477 19.74 -14.26 1.37
C LEU A 477 20.10 -13.44 2.61
N PHE A 478 21.27 -13.73 3.20
CA PHE A 478 21.59 -13.08 4.46
C PHE A 478 22.24 -11.73 4.31
N CYS A 479 22.44 -11.25 3.07
CA CYS A 479 23.01 -9.93 2.85
CA CYS A 479 23.02 -9.92 2.88
C CYS A 479 22.19 -8.82 3.53
N LYS A 480 22.87 -8.00 4.34
CA LYS A 480 22.24 -6.91 5.09
C LYS A 480 21.00 -7.31 5.89
N THR A 481 20.99 -8.55 6.36
CA THR A 481 19.89 -9.01 7.22
C THR A 481 20.40 -10.07 8.18
N LEU A 482 19.50 -10.85 8.78
CA LEU A 482 19.85 -11.91 9.72
C LEU A 482 20.21 -13.25 9.03
N CYS A 483 21.04 -14.08 9.70
CA CYS A 483 21.28 -15.44 9.26
C CYS A 483 19.95 -16.15 8.99
N MET A 484 19.90 -16.94 7.92
CA MET A 484 18.65 -17.67 7.58
C MET A 484 18.37 -18.83 8.53
N ASP A 485 19.38 -19.26 9.28
CA ASP A 485 19.12 -20.30 10.27
C ASP A 485 18.87 -19.74 11.67
N ALA A 486 18.73 -18.41 11.79
CA ALA A 486 18.31 -17.81 13.06
C ALA A 486 16.90 -18.32 13.38
N VAL A 487 16.54 -18.28 14.66
CA VAL A 487 15.41 -19.03 15.18
C VAL A 487 14.47 -18.07 15.92
N GLN A 488 13.19 -18.08 15.52
CA GLN A 488 12.14 -17.30 16.14
C GLN A 488 10.94 -18.20 16.53
N HIS A 489 9.97 -17.63 17.24
CA HIS A 489 8.79 -18.40 17.65
C HIS A 489 8.05 -19.07 16.47
N TRP A 490 7.85 -18.32 15.38
CA TRP A 490 7.18 -18.89 14.21
C TRP A 490 8.02 -19.83 13.37
N GLY A 491 9.33 -19.85 13.57
CA GLY A 491 10.22 -20.74 12.84
C GLY A 491 11.55 -20.10 12.49
N LYS A 492 12.25 -20.68 11.51
CA LYS A 492 13.56 -20.20 11.14
C LYS A 492 13.44 -18.97 10.25
N GLN A 493 14.44 -18.10 10.34
CA GLN A 493 14.46 -16.90 9.49
C GLN A 493 14.26 -17.21 7.98
N TYR A 494 14.77 -18.34 7.49
CA TYR A 494 14.56 -18.76 6.10
C TYR A 494 13.08 -18.66 5.70
N ASP A 495 12.21 -19.07 6.60
CA ASP A 495 10.77 -19.10 6.32
C ASP A 495 10.03 -17.81 6.70
N ILE A 496 10.51 -17.12 7.73
CA ILE A 496 9.71 -16.01 8.29
C ILE A 496 10.32 -14.64 8.08
N HIS A 497 11.45 -14.57 7.36
CA HIS A 497 12.17 -13.31 7.13
C HIS A 497 11.20 -12.24 6.58
N ASN A 498 10.40 -12.65 5.61
CA ASN A 498 9.48 -11.69 4.94
C ASN A 498 8.34 -11.28 5.87
N LEU A 499 8.26 -11.92 7.04
CA LEU A 499 7.26 -11.63 8.04
C LEU A 499 7.71 -10.78 9.18
N TYR A 500 8.97 -10.37 9.19
CA TYR A 500 9.47 -9.60 10.33
C TYR A 500 8.76 -8.27 10.57
N GLY A 501 8.67 -7.47 9.51
CA GLY A 501 8.05 -6.17 9.65
C GLY A 501 6.55 -6.29 9.85
N TYR A 502 5.94 -7.30 9.25
CA TYR A 502 4.52 -7.62 9.52
C TYR A 502 4.34 -7.91 11.01
N SER A 503 5.16 -8.79 11.56
CA SER A 503 4.99 -9.14 13.00
C SER A 503 5.27 -7.93 13.89
N MET A 504 6.22 -7.10 13.50
CA MET A 504 6.51 -5.89 14.21
C MET A 504 5.31 -4.93 14.22
N ALA A 505 4.71 -4.74 13.05
CA ALA A 505 3.52 -3.86 12.99
C ALA A 505 2.37 -4.42 13.87
N VAL A 506 2.18 -5.76 13.88
CA VAL A 506 1.12 -6.38 14.71
C VAL A 506 1.41 -6.10 16.21
N ALA A 507 2.67 -6.27 16.59
CA ALA A 507 3.12 -6.03 17.98
C ALA A 507 3.03 -4.56 18.39
N THR A 508 3.27 -3.65 17.44
CA THR A 508 3.18 -2.21 17.65
C THR A 508 1.73 -1.74 17.80
N ALA A 509 0.84 -2.30 16.98
CA ALA A 509 -0.63 -2.09 17.19
C ALA A 509 -1.06 -2.64 18.54
N GLU A 510 -0.51 -3.78 18.95
CA GLU A 510 -0.82 -4.27 20.29
C GLU A 510 -0.37 -3.29 21.38
N ALA A 511 0.86 -2.77 21.28
CA ALA A 511 1.39 -1.77 22.20
C ALA A 511 0.50 -0.53 22.24
N ALA A 512 -0.04 -0.14 21.09
CA ALA A 512 -0.90 1.04 21.03
C ALA A 512 -2.19 0.86 21.84
N LYS A 513 -2.65 -0.37 22.04
CA LYS A 513 -3.84 -0.65 22.85
C LYS A 513 -3.70 -0.12 24.27
N THR A 514 -2.47 -0.18 24.78
CA THR A 514 -2.14 0.25 26.15
C THR A 514 -1.68 1.69 26.19
N VAL A 515 -0.80 2.07 25.26
CA VAL A 515 -0.19 3.39 25.30
C VAL A 515 -1.20 4.48 24.89
N PHE A 516 -2.10 4.13 23.97
CA PHE A 516 -3.15 5.03 23.47
C PHE A 516 -4.54 4.41 23.61
N PRO A 517 -5.06 4.28 24.85
CA PRO A 517 -6.27 3.49 25.02
C PRO A 517 -7.46 4.02 24.19
N ASN A 518 -8.07 3.11 23.46
CA ASN A 518 -9.22 3.35 22.56
C ASN A 518 -8.98 4.37 21.44
N LYS A 519 -7.73 4.69 21.17
CA LYS A 519 -7.39 5.54 20.01
C LYS A 519 -6.69 4.74 18.91
N ARG A 520 -6.76 5.29 17.70
CA ARG A 520 -6.08 4.73 16.54
C ARG A 520 -4.59 4.96 16.54
N SER A 521 -4.19 6.16 16.96
CA SER A 521 -2.79 6.61 16.88
C SER A 521 -2.40 6.52 15.41
N PHE A 522 -1.15 6.18 15.12
CA PHE A 522 -0.67 6.11 13.73
C PHE A 522 0.59 5.24 13.76
N ILE A 523 0.67 4.24 12.91
CA ILE A 523 1.91 3.47 12.73
C ILE A 523 2.32 3.54 11.29
N LEU A 524 3.59 3.90 11.07
CA LEU A 524 4.17 3.97 9.71
C LEU A 524 5.26 2.90 9.63
N THR A 525 5.19 1.99 8.66
CA THR A 525 6.18 0.88 8.59
C THR A 525 6.92 0.86 7.28
N ARG A 526 8.19 0.43 7.33
CA ARG A 526 8.96 0.23 6.10
C ARG A 526 8.65 -1.12 5.49
N SER A 527 9.02 -2.21 6.17
CA SER A 527 8.75 -3.54 5.67
C SER A 527 7.29 -3.94 5.85
N THR A 528 6.73 -4.62 4.87
CA THR A 528 5.33 -5.08 4.90
C THR A 528 5.24 -6.50 4.39
N PHE A 529 4.13 -7.17 4.67
CA PHE A 529 3.77 -8.40 4.02
C PHE A 529 2.29 -8.17 3.65
N ALA A 530 1.70 -9.11 2.98
CA ALA A 530 0.26 -9.02 2.63
C ALA A 530 -0.55 -8.89 3.91
N GLY A 531 -1.41 -7.88 4.01
CA GLY A 531 -2.17 -7.65 5.26
C GLY A 531 -1.62 -6.59 6.21
N SER A 532 -0.42 -6.04 5.93
CA SER A 532 0.16 -5.02 6.81
C SER A 532 -0.68 -3.75 6.94
N GLY A 533 -1.43 -3.42 5.90
CA GLY A 533 -2.30 -2.23 5.96
C GLY A 533 -3.37 -2.23 7.06
N LYS A 534 -3.72 -3.40 7.57
CA LYS A 534 -4.64 -3.52 8.70
C LYS A 534 -4.11 -2.80 9.93
N PHE A 535 -2.78 -2.66 9.98
CA PHE A 535 -2.04 -2.09 11.10
C PHE A 535 -1.36 -0.78 10.81
N ALA A 536 -0.92 -0.55 9.57
CA ALA A 536 0.03 0.50 9.38
C ALA A 536 -0.06 1.16 8.00
N ALA A 537 0.35 2.42 7.94
CA ALA A 537 0.72 3.11 6.69
C ALA A 537 2.12 2.64 6.22
N HIS A 538 2.49 3.06 5.02
CA HIS A 538 3.78 2.71 4.45
C HIS A 538 4.36 3.91 3.74
N TRP A 539 5.69 4.05 3.75
CA TRP A 539 6.32 4.98 2.82
C TRP A 539 7.29 4.24 1.91
N LEU A 540 7.55 4.81 0.74
CA LEU A 540 8.22 4.07 -0.31
C LEU A 540 9.75 4.02 -0.13
N GLY A 541 10.23 4.50 1.01
CA GLY A 541 11.63 4.27 1.43
C GLY A 541 12.58 5.37 1.03
N ASP A 542 13.86 5.02 0.92
CA ASP A 542 14.96 5.98 0.75
C ASP A 542 15.17 6.36 -0.71
N ASN A 543 14.24 7.16 -1.24
CA ASN A 543 14.33 7.59 -2.61
C ASN A 543 15.41 8.69 -2.77
N THR A 544 15.48 9.29 -3.95
CA THR A 544 16.54 10.23 -4.29
C THR A 544 15.88 11.44 -4.91
N ALA A 545 16.52 12.61 -4.75
CA ALA A 545 16.02 13.86 -5.31
C ALA A 545 16.28 13.96 -6.83
N THR A 546 15.54 13.17 -7.59
CA THR A 546 15.67 13.18 -9.05
C THR A 546 14.29 13.19 -9.72
N TRP A 547 14.25 13.63 -10.96
CA TRP A 547 12.98 13.60 -11.68
C TRP A 547 12.48 12.16 -11.91
N ASP A 548 13.39 11.20 -12.09
CA ASP A 548 12.98 9.80 -12.24
C ASP A 548 12.20 9.33 -11.02
N ASP A 549 12.75 9.59 -9.82
CA ASP A 549 12.09 9.19 -8.56
C ASP A 549 10.72 9.85 -8.41
N LEU A 550 10.58 11.11 -8.81
CA LEU A 550 9.26 11.74 -8.81
C LEU A 550 8.26 10.95 -9.68
N ARG A 551 8.64 10.64 -10.93
CA ARG A 551 7.78 9.88 -11.83
C ARG A 551 7.49 8.46 -11.27
N TRP A 552 8.51 7.83 -10.72
CA TRP A 552 8.38 6.43 -10.25
C TRP A 552 7.50 6.29 -9.02
N SER A 553 7.28 7.41 -8.34
CA SER A 553 6.43 7.40 -7.12
C SER A 553 4.98 7.02 -7.38
N ILE A 554 4.44 7.39 -8.54
CA ILE A 554 3.02 7.19 -8.76
C ILE A 554 2.68 5.72 -8.90
N PRO A 555 3.39 4.96 -9.75
CA PRO A 555 3.06 3.54 -9.68
C PRO A 555 3.18 2.88 -8.32
N GLY A 556 4.18 3.27 -7.54
CA GLY A 556 4.39 2.72 -6.18
C GLY A 556 3.20 3.00 -5.30
N VAL A 557 2.64 4.22 -5.37
CA VAL A 557 1.47 4.59 -4.59
C VAL A 557 0.24 3.78 -5.03
N LEU A 558 0.03 3.65 -6.34
CA LEU A 558 -1.11 2.86 -6.84
C LEU A 558 -1.05 1.38 -6.45
N GLU A 559 0.15 0.80 -6.54
CA GLU A 559 0.31 -0.60 -6.22
C GLU A 559 0.02 -0.83 -4.73
N PHE A 560 0.51 0.04 -3.84
CA PHE A 560 0.18 -0.18 -2.39
C PHE A 560 -1.28 -0.02 -2.08
N ASN A 561 -1.97 0.78 -2.88
CA ASN A 561 -3.44 0.81 -2.76
C ASN A 561 -4.08 -0.54 -3.14
N LEU A 562 -3.57 -1.18 -4.18
CA LEU A 562 -4.03 -2.52 -4.53
C LEU A 562 -3.76 -3.44 -3.36
N PHE A 563 -2.62 -3.23 -2.69
CA PHE A 563 -2.22 -4.11 -1.57
C PHE A 563 -2.96 -3.81 -0.25
N GLY A 564 -3.92 -2.90 -0.26
CA GLY A 564 -4.61 -2.57 0.98
C GLY A 564 -3.81 -1.76 1.99
N ILE A 565 -2.80 -1.03 1.51
CA ILE A 565 -2.08 -0.05 2.32
C ILE A 565 -2.27 1.31 1.66
N PRO A 566 -3.49 1.85 1.76
CA PRO A 566 -3.77 3.06 1.00
C PRO A 566 -3.05 4.32 1.46
N MET A 567 -2.74 4.43 2.74
CA MET A 567 -1.95 5.53 3.23
C MET A 567 -0.48 5.24 2.90
N VAL A 568 -0.04 5.71 1.72
CA VAL A 568 1.27 5.42 1.17
C VAL A 568 1.73 6.68 0.44
N GLY A 569 3.03 6.89 0.43
CA GLY A 569 3.62 8.07 -0.18
C GLY A 569 5.13 7.89 -0.17
N PRO A 570 5.84 8.62 -1.04
CA PRO A 570 7.29 8.62 -0.94
C PRO A 570 7.77 9.73 0.04
N ASP A 571 9.09 9.87 0.15
CA ASP A 571 9.65 11.07 0.80
C ASP A 571 9.56 12.23 -0.21
N ILE A 572 8.66 13.17 0.02
CA ILE A 572 8.46 14.24 -0.95
C ILE A 572 9.76 15.07 -1.02
N CYS A 573 10.17 15.41 -2.25
CA CYS A 573 11.40 16.18 -2.57
C CYS A 573 12.65 15.32 -2.62
N GLY A 574 12.56 14.13 -2.05
CA GLY A 574 13.61 13.13 -2.22
C GLY A 574 14.45 13.03 -0.96
N PHE A 575 14.65 11.81 -0.47
CA PHE A 575 15.43 11.57 0.75
C PHE A 575 16.91 11.88 0.47
N ALA A 576 17.58 11.07 -0.37
CA ALA A 576 19.01 11.29 -0.70
C ALA A 576 19.22 12.50 -1.66
N LEU A 577 20.27 13.29 -1.41
CA LEU A 577 20.71 14.41 -2.24
C LEU A 577 20.02 15.72 -1.91
N ASP A 578 20.71 16.83 -2.24
CA ASP A 578 20.13 18.17 -2.24
C ASP A 578 19.07 18.23 -3.35
N THR A 579 17.90 18.77 -3.02
CA THR A 579 16.82 18.82 -3.98
C THR A 579 16.88 20.15 -4.74
N PRO A 580 16.79 20.09 -6.08
CA PRO A 580 16.65 21.32 -6.89
C PRO A 580 15.32 22.01 -6.55
N GLU A 581 15.28 23.35 -6.52
CA GLU A 581 14.02 24.07 -6.30
C GLU A 581 12.86 23.61 -7.21
N GLU A 582 13.14 23.41 -8.48
CA GLU A 582 12.08 23.13 -9.42
C GLU A 582 11.48 21.73 -9.16
N LEU A 583 12.35 20.78 -8.87
CA LEU A 583 11.93 19.42 -8.57
C LEU A 583 11.12 19.42 -7.26
N CYS A 584 11.61 20.08 -6.21
CA CYS A 584 10.89 20.15 -4.95
C CYS A 584 9.52 20.85 -5.07
N ARG A 585 9.46 21.93 -5.86
CA ARG A 585 8.19 22.60 -6.12
C ARG A 585 7.19 21.69 -6.82
N ARG A 586 7.60 21.00 -7.89
CA ARG A 586 6.70 20.05 -8.56
C ARG A 586 6.34 18.87 -7.64
N TRP A 587 7.29 18.43 -6.83
CA TRP A 587 7.04 17.27 -5.98
C TRP A 587 6.09 17.65 -4.84
N MET A 588 6.20 18.87 -4.31
CA MET A 588 5.25 19.36 -3.30
C MET A 588 3.84 19.52 -3.85
N GLN A 589 3.74 19.94 -5.10
CA GLN A 589 2.43 20.06 -5.74
C GLN A 589 1.77 18.70 -5.86
N LEU A 590 2.51 17.70 -6.34
CA LEU A 590 1.98 16.36 -6.47
C LEU A 590 1.81 15.78 -5.07
N GLY A 591 2.81 16.00 -4.21
CA GLY A 591 2.85 15.45 -2.84
C GLY A 591 1.67 15.90 -1.96
N ALA A 592 1.12 17.08 -2.22
CA ALA A 592 -0.14 17.46 -1.60
C ALA A 592 -1.29 16.46 -1.82
N PHE A 593 -1.16 15.60 -2.83
CA PHE A 593 -2.20 14.62 -3.16
C PHE A 593 -1.81 13.17 -2.97
N TYR A 594 -0.67 12.92 -2.31
CA TYR A 594 -0.35 11.52 -2.01
C TYR A 594 -1.19 11.18 -0.78
N PRO A 595 -1.75 9.97 -0.70
CA PRO A 595 -2.59 9.67 0.44
C PRO A 595 -1.82 9.79 1.80
N PHE A 596 -0.54 9.39 1.83
CA PHE A 596 0.39 9.76 2.92
C PHE A 596 1.33 10.84 2.36
N SER A 597 1.22 12.05 2.90
CA SER A 597 1.94 13.24 2.44
C SER A 597 3.03 13.68 3.45
N ARG A 598 4.28 13.33 3.18
CA ARG A 598 5.40 13.63 4.07
C ARG A 598 6.62 14.09 3.28
N ASN A 599 7.15 15.26 3.63
CA ASN A 599 8.43 15.74 3.13
C ASN A 599 9.48 15.26 4.16
N HIS A 600 10.42 14.44 3.71
CA HIS A 600 11.48 13.87 4.55
C HIS A 600 12.82 13.94 3.80
N ASN A 601 13.94 14.05 4.51
CA ASN A 601 15.20 14.36 3.85
C ASN A 601 16.27 13.59 4.59
N GLY A 602 17.29 13.13 3.86
CA GLY A 602 18.39 12.38 4.47
C GLY A 602 19.39 13.25 5.22
N GLN A 603 20.39 12.61 5.81
CA GLN A 603 21.36 13.26 6.67
C GLN A 603 22.29 14.12 5.85
N GLY A 604 22.49 15.36 6.29
CA GLY A 604 23.54 16.22 5.76
C GLY A 604 23.12 17.06 4.57
N TYR A 605 22.04 16.69 3.89
CA TYR A 605 21.61 17.45 2.70
C TYR A 605 20.99 18.80 3.07
N LYS A 606 21.04 19.73 2.11
CA LYS A 606 20.40 21.05 2.18
C LYS A 606 18.95 20.87 2.65
N ASP A 607 18.47 21.82 3.46
CA ASP A 607 17.10 21.80 3.98
C ASP A 607 16.13 21.78 2.81
N GLN A 608 15.05 21.02 2.95
CA GLN A 608 14.05 21.02 1.90
C GLN A 608 12.62 21.15 2.42
N ASP A 609 12.47 21.56 3.70
CA ASP A 609 11.17 21.86 4.24
C ASP A 609 10.66 23.06 3.44
N PRO A 610 9.35 23.13 3.22
CA PRO A 610 8.79 24.18 2.36
C PRO A 610 9.24 25.62 2.68
N ALA A 611 9.22 26.04 3.95
CA ALA A 611 9.58 27.41 4.30
C ALA A 611 11.07 27.73 4.16
N SER A 612 11.90 26.69 4.02
CA SER A 612 13.34 26.89 3.85
C SER A 612 13.69 27.49 2.48
N PHE A 613 12.73 27.46 1.57
CA PHE A 613 12.94 28.01 0.23
C PHE A 613 12.70 29.53 0.15
N GLY A 614 12.19 30.10 1.24
CA GLY A 614 11.94 31.53 1.33
C GLY A 614 10.51 31.85 1.69
N ALA A 615 10.34 32.81 2.61
CA ALA A 615 9.02 33.14 3.14
C ALA A 615 8.12 33.65 2.06
N ASP A 616 8.70 34.10 0.96
CA ASP A 616 7.91 34.62 -0.16
C ASP A 616 8.20 33.91 -1.49
N SER A 617 8.72 32.69 -1.41
CA SER A 617 9.17 31.94 -2.59
C SER A 617 7.99 31.33 -3.33
N LEU A 618 8.15 31.08 -4.64
CA LEU A 618 7.14 30.36 -5.42
C LEU A 618 6.85 28.98 -4.81
N LEU A 619 7.88 28.29 -4.36
CA LEU A 619 7.68 26.95 -3.82
C LEU A 619 6.80 27.01 -2.57
N LEU A 620 7.09 27.94 -1.64
CA LEU A 620 6.33 27.96 -0.38
C LEU A 620 4.89 28.34 -0.66
N ASN A 621 4.71 29.37 -1.48
CA ASN A 621 3.37 29.82 -1.89
C ASN A 621 2.57 28.71 -2.52
N SER A 622 3.18 28.02 -3.49
CA SER A 622 2.46 26.94 -4.14
C SER A 622 2.20 25.74 -3.22
N SER A 623 3.21 25.37 -2.42
CA SER A 623 3.00 24.34 -1.43
C SER A 623 1.83 24.66 -0.54
N ARG A 624 1.78 25.87 0.00
CA ARG A 624 0.70 26.27 0.91
C ARG A 624 -0.62 26.20 0.15
N HIS A 625 -0.62 26.67 -1.09
CA HIS A 625 -1.84 26.71 -1.88
C HIS A 625 -2.45 25.31 -2.05
N TYR A 626 -1.63 24.37 -2.49
CA TYR A 626 -2.13 23.02 -2.76
C TYR A 626 -2.34 22.19 -1.53
N LEU A 627 -1.54 22.41 -0.50
CA LEU A 627 -1.88 21.79 0.79
C LEU A 627 -3.20 22.34 1.33
N ASN A 628 -3.52 23.60 1.02
CA ASN A 628 -4.78 24.12 1.50
C ASN A 628 -5.94 23.46 0.77
N ILE A 629 -5.73 23.15 -0.51
CA ILE A 629 -6.69 22.37 -1.29
C ILE A 629 -6.80 20.96 -0.74
N ARG A 630 -5.69 20.30 -0.47
CA ARG A 630 -5.78 18.99 0.20
C ARG A 630 -6.65 19.03 1.45
N TYR A 631 -6.37 19.98 2.34
CA TYR A 631 -7.07 20.08 3.62
C TYR A 631 -8.55 20.38 3.38
N THR A 632 -8.84 21.22 2.39
CA THR A 632 -10.25 21.50 2.00
C THR A 632 -11.02 20.23 1.65
N LEU A 633 -10.33 19.31 0.97
CA LEU A 633 -10.92 18.03 0.55
C LEU A 633 -10.74 16.89 1.55
N LEU A 634 -10.27 17.18 2.76
CA LEU A 634 -10.13 16.10 3.73
C LEU A 634 -11.40 15.29 4.06
N PRO A 635 -12.60 15.92 4.16
CA PRO A 635 -13.79 15.11 4.36
C PRO A 635 -14.00 14.10 3.21
N TYR A 636 -13.70 14.49 1.98
CA TYR A 636 -13.76 13.57 0.85
C TYR A 636 -12.69 12.45 1.02
N LEU A 637 -11.45 12.84 1.25
CA LEU A 637 -10.35 11.85 1.39
C LEU A 637 -10.66 10.88 2.56
N TYR A 638 -11.16 11.43 3.66
CA TYR A 638 -11.46 10.58 4.87
C TYR A 638 -12.59 9.61 4.57
N THR A 639 -13.58 10.07 3.80
CA THR A 639 -14.64 9.16 3.44
C THR A 639 -14.12 8.04 2.51
N LEU A 640 -13.18 8.38 1.64
CA LEU A 640 -12.50 7.37 0.81
C LEU A 640 -11.77 6.36 1.69
N PHE A 641 -11.11 6.83 2.73
CA PHE A 641 -10.51 5.89 3.69
C PHE A 641 -11.51 5.03 4.43
N PHE A 642 -12.66 5.62 4.79
CA PHE A 642 -13.75 4.86 5.36
C PHE A 642 -14.18 3.73 4.40
N ARG A 643 -14.33 4.03 3.11
CA ARG A 643 -14.67 2.97 2.18
C ARG A 643 -13.57 1.93 2.02
N ALA A 644 -12.30 2.33 2.07
CA ALA A 644 -11.20 1.33 2.00
C ALA A 644 -11.29 0.38 3.21
N HIS A 645 -11.47 0.96 4.40
CA HIS A 645 -11.56 0.20 5.66
C HIS A 645 -12.79 -0.72 5.71
N SER A 646 -13.95 -0.24 5.24
CA SER A 646 -15.19 -0.98 5.47
C SER A 646 -15.58 -1.88 4.31
N ARG A 647 -15.14 -1.50 3.12
CA ARG A 647 -15.58 -2.15 1.90
C ARG A 647 -14.41 -2.70 1.07
N GLY A 648 -13.26 -2.08 1.22
CA GLY A 648 -12.03 -2.48 0.52
C GLY A 648 -11.71 -1.69 -0.75
N ASP A 649 -12.38 -0.57 -0.97
CA ASP A 649 -12.05 0.31 -2.13
C ASP A 649 -10.61 0.87 -2.07
N THR A 650 -10.02 1.21 -3.21
CA THR A 650 -8.75 1.94 -3.21
C THR A 650 -9.03 3.41 -2.86
N VAL A 651 -7.97 4.11 -2.47
CA VAL A 651 -8.05 5.54 -2.17
C VAL A 651 -7.37 6.34 -3.28
N ALA A 652 -6.04 6.22 -3.43
CA ALA A 652 -5.35 6.60 -4.68
C ALA A 652 -5.62 5.51 -5.70
N ARG A 653 -6.20 5.89 -6.83
CA ARG A 653 -6.89 4.93 -7.68
C ARG A 653 -6.40 5.15 -9.10
N PRO A 654 -6.09 4.05 -9.82
CA PRO A 654 -5.67 4.22 -11.23
C PRO A 654 -6.83 4.71 -12.08
N LEU A 655 -6.56 5.48 -13.12
CA LEU A 655 -7.64 5.88 -14.02
C LEU A 655 -8.44 4.71 -14.55
N LEU A 656 -7.77 3.61 -14.86
CA LEU A 656 -8.41 2.42 -15.42
C LEU A 656 -9.42 1.75 -14.49
N HIS A 657 -9.36 1.98 -13.17
CA HIS A 657 -10.36 1.40 -12.28
C HIS A 657 -11.73 2.08 -12.45
N GLU A 658 -11.70 3.31 -12.89
CA GLU A 658 -12.96 4.00 -13.22
C GLU A 658 -13.26 3.99 -14.68
N PHE A 659 -12.21 3.90 -15.50
CA PHE A 659 -12.39 4.12 -16.96
C PHE A 659 -11.89 2.92 -17.79
N TYR A 660 -12.14 1.71 -17.26
CA TYR A 660 -11.66 0.41 -17.86
C TYR A 660 -12.22 0.19 -19.27
N GLU A 661 -13.38 0.78 -19.56
CA GLU A 661 -13.97 0.66 -20.91
C GLU A 661 -13.11 1.33 -21.97
N ASP A 662 -12.24 2.23 -21.54
CA ASP A 662 -11.39 3.00 -22.40
C ASP A 662 -9.95 2.52 -22.38
N ASN A 663 -9.54 1.75 -23.41
CA ASN A 663 -8.16 1.22 -23.44
C ASN A 663 -7.03 2.27 -23.37
N SER A 664 -7.28 3.55 -23.69
CA SER A 664 -6.25 4.57 -23.48
C SER A 664 -5.87 4.80 -22.00
N THR A 665 -6.66 4.30 -21.07
CA THR A 665 -6.35 4.45 -19.64
C THR A 665 -5.53 3.30 -19.09
N TRP A 666 -5.39 2.20 -19.85
CA TRP A 666 -4.84 0.95 -19.29
C TRP A 666 -3.37 1.03 -18.94
N ASP A 667 -2.64 1.97 -19.51
CA ASP A 667 -1.27 2.10 -19.04
C ASP A 667 -0.96 3.46 -18.43
N VAL A 668 -1.99 4.25 -18.14
CA VAL A 668 -1.78 5.57 -17.57
C VAL A 668 -1.21 5.45 -16.17
N HIS A 669 -0.02 6.03 -15.97
CA HIS A 669 0.67 5.96 -14.67
C HIS A 669 1.26 7.34 -14.30
N GLN A 670 0.97 8.38 -15.09
CA GLN A 670 1.50 9.72 -14.83
C GLN A 670 0.40 10.64 -14.28
N GLN A 671 -0.79 10.05 -14.11
CA GLN A 671 -1.96 10.67 -13.53
C GLN A 671 -2.59 9.64 -12.59
N PHE A 672 -3.38 10.11 -11.62
CA PHE A 672 -4.20 9.20 -10.82
C PHE A 672 -5.42 9.91 -10.29
N LEU A 673 -6.30 9.16 -9.64
CA LEU A 673 -7.49 9.73 -9.05
C LEU A 673 -7.43 9.65 -7.54
N TRP A 674 -8.08 10.60 -6.88
CA TRP A 674 -8.58 10.32 -5.53
C TRP A 674 -9.98 9.75 -5.67
N GLY A 675 -10.16 8.48 -5.28
CA GLY A 675 -11.49 7.86 -5.39
C GLY A 675 -12.02 7.92 -6.83
N PRO A 676 -13.34 8.07 -6.98
CA PRO A 676 -13.87 8.11 -8.34
C PRO A 676 -13.80 9.47 -9.03
N GLY A 677 -13.56 10.53 -8.26
CA GLY A 677 -13.99 11.86 -8.71
C GLY A 677 -12.95 12.94 -8.95
N LEU A 678 -11.76 12.80 -8.37
CA LEU A 678 -10.74 13.85 -8.52
C LEU A 678 -9.56 13.36 -9.35
N LEU A 679 -9.32 14.03 -10.46
CA LEU A 679 -8.24 13.66 -11.36
C LEU A 679 -7.04 14.57 -11.12
N ILE A 680 -5.90 13.96 -10.82
CA ILE A 680 -4.68 14.70 -10.53
C ILE A 680 -3.67 14.52 -11.67
N THR A 681 -3.22 15.64 -12.22
CA THR A 681 -2.34 15.68 -13.41
C THR A 681 -1.11 16.54 -13.11
N PRO A 682 -0.05 15.92 -12.57
CA PRO A 682 1.16 16.63 -12.30
C PRO A 682 2.10 16.86 -13.48
N VAL A 683 2.90 17.92 -13.37
CA VAL A 683 4.04 18.10 -14.26
C VAL A 683 5.15 17.23 -13.66
N LEU A 684 5.72 16.36 -14.48
CA LEU A 684 6.70 15.37 -14.01
C LEU A 684 8.04 15.45 -14.75
N ASP A 685 8.23 16.50 -15.54
CA ASP A 685 9.41 16.65 -16.41
C ASP A 685 10.10 17.99 -16.18
N GLU A 686 11.41 17.91 -16.01
CA GLU A 686 12.26 19.05 -15.75
C GLU A 686 12.11 20.08 -16.85
N GLY A 687 11.88 21.33 -16.44
CA GLY A 687 11.74 22.46 -17.36
C GLY A 687 10.33 22.66 -17.88
N ALA A 688 9.47 21.67 -17.66
CA ALA A 688 8.14 21.69 -18.29
C ALA A 688 7.11 22.62 -17.62
N GLU A 689 6.32 23.30 -18.46
CA GLU A 689 5.19 24.12 -18.00
C GLU A 689 3.91 23.63 -18.70
N LYS A 690 3.96 22.36 -19.06
CA LYS A 690 2.91 21.66 -19.76
C LYS A 690 3.01 20.20 -19.37
N VAL A 691 1.93 19.47 -19.54
CA VAL A 691 1.99 18.02 -19.41
C VAL A 691 1.06 17.41 -20.45
N MET A 692 1.60 16.43 -21.17
CA MET A 692 0.79 15.59 -22.05
C MET A 692 -0.01 14.69 -21.08
N ALA A 693 -1.32 14.78 -21.14
CA ALA A 693 -2.17 14.10 -20.17
C ALA A 693 -3.30 13.39 -20.88
N TYR A 694 -3.91 12.41 -20.23
CA TYR A 694 -5.14 11.84 -20.72
C TYR A 694 -6.37 12.37 -19.96
N VAL A 695 -7.33 12.84 -20.73
CA VAL A 695 -8.63 13.23 -20.17
C VAL A 695 -9.68 12.13 -20.47
N PRO A 696 -10.09 11.38 -19.44
CA PRO A 696 -11.06 10.29 -19.58
C PRO A 696 -12.46 10.71 -20.08
N ASP A 697 -13.27 9.69 -20.40
CA ASP A 697 -14.64 9.85 -20.93
C ASP A 697 -15.62 10.27 -19.83
N ALA A 698 -15.48 11.51 -19.38
CA ALA A 698 -16.43 12.09 -18.43
C ALA A 698 -16.52 13.58 -18.71
N VAL A 699 -17.50 14.23 -18.10
CA VAL A 699 -17.48 15.70 -18.00
C VAL A 699 -16.43 16.06 -16.95
N TRP A 700 -15.56 17.02 -17.23
CA TRP A 700 -14.56 17.42 -16.20
C TRP A 700 -14.59 18.93 -15.94
N TYR A 701 -14.40 19.32 -14.68
CA TYR A 701 -14.34 20.73 -14.29
C TYR A 701 -13.02 21.11 -13.64
N ASP A 702 -12.44 22.20 -14.08
CA ASP A 702 -11.30 22.77 -13.37
C ASP A 702 -11.62 23.01 -11.87
N TYR A 703 -10.81 22.44 -10.99
CA TYR A 703 -11.11 22.50 -9.56
C TYR A 703 -11.21 23.95 -9.09
N GLU A 704 -10.27 24.80 -9.48
CA GLU A 704 -10.18 26.13 -8.89
C GLU A 704 -11.20 27.09 -9.44
N THR A 705 -11.38 27.06 -10.75
CA THR A 705 -12.38 27.96 -11.40
C THR A 705 -13.79 27.37 -11.47
N GLY A 706 -13.87 26.03 -11.50
CA GLY A 706 -15.12 25.36 -11.74
C GLY A 706 -15.58 25.33 -13.21
N SER A 707 -14.77 25.81 -14.13
CA SER A 707 -15.15 25.81 -15.55
C SER A 707 -15.08 24.41 -16.15
N GLN A 708 -16.08 24.08 -16.95
CA GLN A 708 -16.09 22.79 -17.63
C GLN A 708 -15.03 22.78 -18.74
N VAL A 709 -14.13 21.80 -18.74
CA VAL A 709 -13.16 21.70 -19.80
C VAL A 709 -13.82 21.22 -21.10
N ARG A 710 -13.24 21.56 -22.25
CA ARG A 710 -13.83 21.08 -23.48
C ARG A 710 -13.30 19.67 -23.81
N TRP A 711 -12.19 19.29 -23.18
CA TRP A 711 -11.63 17.95 -23.40
C TRP A 711 -12.53 16.83 -22.89
N ARG A 712 -12.66 15.77 -23.70
CA ARG A 712 -13.29 14.52 -23.25
C ARG A 712 -12.79 13.29 -24.02
N LYS A 713 -12.37 12.27 -23.27
CA LYS A 713 -11.86 11.05 -23.86
C LYS A 713 -10.74 11.31 -24.90
N GLN A 714 -9.64 11.93 -24.45
CA GLN A 714 -8.59 12.34 -25.39
C GLN A 714 -7.31 12.75 -24.71
N LYS A 715 -6.21 12.61 -25.44
CA LYS A 715 -4.89 13.05 -24.97
C LYS A 715 -4.84 14.56 -25.16
N VAL A 716 -4.33 15.29 -24.18
CA VAL A 716 -4.27 16.74 -24.29
C VAL A 716 -2.91 17.24 -23.85
N GLU A 717 -2.56 18.45 -24.27
CA GLU A 717 -1.43 19.14 -23.69
C GLU A 717 -1.99 20.13 -22.67
N MET A 718 -1.86 19.78 -21.39
CA MET A 718 -2.45 20.59 -20.35
C MET A 718 -1.45 21.67 -19.97
N GLU A 719 -1.88 22.93 -19.96
CA GLU A 719 -0.95 24.04 -19.64
C GLU A 719 -0.81 24.16 -18.12
N LEU A 720 0.38 23.87 -17.61
CA LEU A 720 0.59 23.90 -16.19
C LEU A 720 1.89 24.65 -15.83
N PRO A 721 1.79 25.98 -15.66
CA PRO A 721 2.94 26.83 -15.32
C PRO A 721 3.53 26.41 -13.97
N GLY A 722 4.67 26.98 -13.59
CA GLY A 722 5.39 26.55 -12.36
C GLY A 722 4.58 26.54 -11.08
N ASP A 723 3.49 27.29 -11.03
CA ASP A 723 2.60 27.37 -9.85
C ASP A 723 1.35 26.47 -9.90
N LYS A 724 1.25 25.59 -10.91
CA LYS A 724 0.04 24.76 -11.10
C LYS A 724 0.29 23.25 -11.16
N ILE A 725 -0.67 22.50 -10.64
CA ILE A 725 -0.84 21.07 -10.92
C ILE A 725 -2.26 20.94 -11.43
N GLY A 726 -2.50 20.01 -12.32
CA GLY A 726 -3.86 19.81 -12.84
C GLY A 726 -4.76 19.14 -11.82
N LEU A 727 -5.92 19.74 -11.54
CA LEU A 727 -6.87 19.12 -10.63
C LEU A 727 -8.21 19.30 -11.29
N HIS A 728 -8.88 18.19 -11.60
CA HIS A 728 -10.22 18.24 -12.20
C HIS A 728 -11.24 17.38 -11.48
N LEU A 729 -12.46 17.89 -11.41
CA LEU A 729 -13.57 17.23 -10.78
C LEU A 729 -14.48 16.57 -11.80
N ARG A 730 -14.82 15.31 -11.52
CA ARG A 730 -15.66 14.50 -12.40
C ARG A 730 -17.14 14.81 -12.31
N GLY A 731 -17.75 15.12 -13.46
CA GLY A 731 -19.19 15.30 -13.49
C GLY A 731 -19.89 14.03 -13.02
N GLY A 732 -20.90 14.21 -12.15
CA GLY A 732 -21.67 13.08 -11.61
C GLY A 732 -21.36 12.82 -10.13
N TYR A 733 -20.43 13.61 -9.61
CA TYR A 733 -19.97 13.46 -8.22
C TYR A 733 -20.12 14.70 -7.35
N ILE A 734 -20.39 14.46 -6.06
CA ILE A 734 -20.59 15.51 -5.09
C ILE A 734 -19.53 15.32 -4.04
N PHE A 735 -18.77 16.40 -3.80
CA PHE A 735 -17.56 16.32 -2.96
C PHE A 735 -17.77 17.14 -1.68
N PRO A 736 -17.68 16.47 -0.52
CA PRO A 736 -17.75 17.21 0.72
C PRO A 736 -16.44 17.90 1.03
N THR A 737 -16.55 19.12 1.55
CA THR A 737 -15.39 19.96 1.85
C THR A 737 -15.51 20.62 3.22
N GLN A 738 -14.41 21.12 3.72
CA GLN A 738 -14.42 21.81 5.02
C GLN A 738 -13.36 22.87 4.94
N GLN A 739 -13.69 24.12 5.30
CA GLN A 739 -12.74 25.20 5.28
C GLN A 739 -11.44 24.75 5.96
N PRO A 740 -10.32 24.95 5.27
CA PRO A 740 -9.03 24.44 5.77
C PRO A 740 -8.49 25.32 6.92
N ASN A 741 -7.61 24.73 7.71
CA ASN A 741 -6.87 25.47 8.72
C ASN A 741 -5.52 24.76 8.74
N THR A 742 -4.59 25.30 9.49
CA THR A 742 -3.20 24.80 9.45
C THR A 742 -3.06 23.43 10.14
N THR A 743 -4.05 23.03 10.90
CA THR A 743 -4.07 21.69 11.53
C THR A 743 -5.46 21.08 11.37
N THR A 744 -5.55 19.76 11.39
CA THR A 744 -6.88 19.13 11.30
C THR A 744 -7.62 19.24 12.64
N LEU A 745 -6.88 19.38 13.76
CA LEU A 745 -7.56 19.64 15.06
C LEU A 745 -8.53 20.83 14.88
N ALA A 746 -8.02 21.89 14.28
CA ALA A 746 -8.78 23.10 14.04
C ALA A 746 -9.73 22.99 12.84
N SER A 747 -9.28 22.40 11.75
CA SER A 747 -10.10 22.39 10.50
C SER A 747 -11.41 21.63 10.68
N ARG A 748 -11.39 20.57 11.51
CA ARG A 748 -12.57 19.77 11.76
C ARG A 748 -13.69 20.55 12.45
N LYS A 749 -13.38 21.70 13.03
CA LYS A 749 -14.39 22.58 13.66
C LYS A 749 -14.96 23.58 12.67
N ASN A 750 -14.46 23.58 11.44
CA ASN A 750 -14.87 24.63 10.47
C ASN A 750 -16.17 24.30 9.66
N PRO A 751 -16.79 25.32 9.08
CA PRO A 751 -17.96 25.12 8.21
C PRO A 751 -17.64 24.16 7.06
N LEU A 752 -18.63 23.37 6.68
CA LEU A 752 -18.53 22.41 5.59
C LEU A 752 -19.10 23.02 4.30
N GLY A 753 -18.79 22.38 3.19
CA GLY A 753 -19.29 22.82 1.87
C GLY A 753 -19.58 21.56 1.06
N LEU A 754 -20.31 21.73 -0.04
CA LEU A 754 -20.51 20.67 -0.98
C LEU A 754 -20.06 21.22 -2.33
N ILE A 755 -19.33 20.42 -3.11
CA ILE A 755 -19.11 20.78 -4.53
C ILE A 755 -19.91 19.77 -5.36
N ILE A 756 -20.90 20.26 -6.13
CA ILE A 756 -21.75 19.40 -6.96
C ILE A 756 -21.26 19.58 -8.41
N ALA A 757 -20.58 18.57 -8.95
CA ALA A 757 -20.06 18.59 -10.33
C ALA A 757 -21.12 17.85 -11.13
N LEU A 758 -21.94 18.60 -11.87
CA LEU A 758 -23.04 17.96 -12.62
C LEU A 758 -22.57 17.13 -13.85
N ASP A 759 -23.19 15.96 -14.05
CA ASP A 759 -22.94 15.19 -15.28
C ASP A 759 -23.80 15.73 -16.46
N GLU A 760 -23.72 15.05 -17.62
CA GLU A 760 -24.42 15.48 -18.85
C GLU A 760 -25.92 15.47 -18.62
N ASN A 761 -26.39 14.65 -17.68
CA ASN A 761 -27.80 14.66 -17.32
C ASN A 761 -28.20 15.60 -16.15
N LYS A 762 -27.24 16.41 -15.69
CA LYS A 762 -27.43 17.40 -14.62
C LYS A 762 -27.76 16.68 -13.31
N GLU A 763 -27.10 15.56 -13.12
CA GLU A 763 -27.28 14.73 -11.92
C GLU A 763 -25.93 14.52 -11.27
N ALA A 764 -25.91 14.18 -9.98
CA ALA A 764 -24.62 13.89 -9.33
C ALA A 764 -24.92 13.18 -8.05
N LYS A 765 -23.94 12.48 -7.48
CA LYS A 765 -24.22 11.72 -6.25
C LYS A 765 -22.95 11.81 -5.43
N GLY A 766 -23.08 11.75 -4.10
CA GLY A 766 -21.86 11.75 -3.27
C GLY A 766 -22.21 11.21 -1.90
N GLU A 767 -21.24 11.15 -1.00
CA GLU A 767 -21.50 10.71 0.36
C GLU A 767 -20.48 11.36 1.30
N LEU A 768 -20.77 11.34 2.60
CA LEU A 768 -19.85 11.85 3.61
C LEU A 768 -19.95 10.95 4.83
N PHE A 769 -18.80 10.43 5.24
CA PHE A 769 -18.64 9.70 6.51
C PHE A 769 -18.10 10.69 7.52
N TRP A 770 -18.62 10.64 8.76
CA TRP A 770 -18.10 11.55 9.77
C TRP A 770 -18.19 10.86 11.13
N ASP A 771 -17.06 10.77 11.79
CA ASP A 771 -17.01 10.23 13.17
C ASP A 771 -16.09 11.15 13.95
N ASP A 772 -15.63 10.72 15.13
CA ASP A 772 -14.78 11.57 15.91
C ASP A 772 -13.30 11.64 15.46
N GLY A 773 -12.92 10.92 14.40
CA GLY A 773 -11.58 11.10 13.79
C GLY A 773 -10.46 10.38 14.52
N GLU A 774 -10.78 9.70 15.63
CA GLU A 774 -9.67 9.10 16.40
C GLU A 774 -9.95 7.85 17.21
N THR A 775 -11.21 7.62 17.59
CA THR A 775 -11.52 6.44 18.44
C THR A 775 -11.44 5.16 17.62
N LYS A 776 -10.82 4.12 18.19
CA LYS A 776 -10.68 2.85 17.52
C LYS A 776 -12.04 2.14 17.50
N ASP A 777 -12.37 1.47 16.39
CA ASP A 777 -13.59 0.64 16.29
C ASP A 777 -14.92 1.44 16.17
N THR A 778 -14.85 2.72 15.80
CA THR A 778 -16.09 3.51 15.63
C THR A 778 -16.95 2.94 14.51
N VAL A 779 -16.32 2.29 13.55
CA VAL A 779 -17.05 1.70 12.43
C VAL A 779 -17.66 0.36 12.87
N ALA A 780 -16.82 -0.52 13.43
CA ALA A 780 -17.32 -1.77 13.97
C ALA A 780 -18.40 -1.57 15.04
N ASN A 781 -18.27 -0.57 15.90
CA ASN A 781 -19.25 -0.30 16.95
C ASN A 781 -20.39 0.63 16.51
N LYS A 782 -20.38 1.02 15.25
CA LYS A 782 -21.43 1.87 14.64
C LYS A 782 -21.73 3.20 15.34
N VAL A 783 -20.66 3.96 15.60
CA VAL A 783 -20.74 5.31 16.15
C VAL A 783 -20.22 6.21 15.04
N TYR A 784 -21.10 6.53 14.09
CA TYR A 784 -20.67 7.42 13.04
C TYR A 784 -21.87 7.94 12.30
N LEU A 785 -21.62 8.95 11.49
CA LEU A 785 -22.65 9.55 10.62
C LEU A 785 -22.26 9.14 9.22
N LEU A 786 -23.22 8.73 8.40
CA LEU A 786 -22.98 8.53 6.99
C LEU A 786 -24.17 9.18 6.29
N CYS A 787 -23.90 10.14 5.43
CA CYS A 787 -25.03 10.71 4.68
C CYS A 787 -24.78 10.61 3.20
N GLU A 788 -25.85 10.79 2.41
CA GLU A 788 -25.77 10.57 0.99
C GLU A 788 -26.32 11.83 0.40
N PHE A 789 -25.70 12.27 -0.69
CA PHE A 789 -26.14 13.48 -1.42
C PHE A 789 -26.55 13.03 -2.79
N SER A 790 -27.66 13.58 -3.30
CA SER A 790 -28.00 13.30 -4.69
C SER A 790 -28.69 14.49 -5.27
N VAL A 791 -28.42 14.72 -6.55
CA VAL A 791 -28.97 15.83 -7.30
C VAL A 791 -29.58 15.21 -8.56
N THR A 792 -30.88 15.43 -8.76
CA THR A 792 -31.58 14.94 -9.96
C THR A 792 -32.58 16.00 -10.16
N GLN A 793 -32.60 16.47 -11.41
CA GLN A 793 -32.89 17.85 -11.82
C GLN A 793 -33.68 18.74 -10.87
N ASN A 794 -33.13 19.92 -10.62
CA ASN A 794 -33.77 20.96 -9.82
C ASN A 794 -33.70 20.66 -8.31
N ARG A 795 -33.01 19.59 -7.88
CA ARG A 795 -33.18 19.16 -6.48
C ARG A 795 -31.94 18.46 -5.89
N LEU A 796 -31.44 18.95 -4.76
CA LEU A 796 -30.40 18.23 -4.00
C LEU A 796 -31.10 17.63 -2.81
N GLU A 797 -30.88 16.34 -2.56
CA GLU A 797 -31.36 15.71 -1.34
C GLU A 797 -30.14 15.37 -0.49
N VAL A 798 -30.24 15.66 0.82
CA VAL A 798 -29.26 15.17 1.81
C VAL A 798 -30.01 14.15 2.65
N ASN A 799 -29.55 12.90 2.61
CA ASN A 799 -30.24 11.75 3.14
C ASN A 799 -29.31 11.09 4.17
N ILE A 800 -29.83 10.75 5.33
CA ILE A 800 -28.99 10.20 6.39
C ILE A 800 -29.17 8.69 6.47
N SER A 801 -28.10 7.94 6.28
CA SER A 801 -28.21 6.50 6.36
C SER A 801 -27.77 5.94 7.73
N GLN A 802 -26.80 6.56 8.40
CA GLN A 802 -26.38 6.14 9.75
C GLN A 802 -26.22 7.42 10.50
N SER A 803 -26.75 7.45 11.72
CA SER A 803 -26.80 8.68 12.46
C SER A 803 -26.55 8.39 13.93
N THR A 804 -25.39 7.83 14.23
CA THR A 804 -25.09 7.48 15.61
C THR A 804 -23.91 8.26 16.18
N TYR A 805 -23.47 9.28 15.46
CA TYR A 805 -22.50 10.20 15.98
C TYR A 805 -22.90 11.63 15.69
N LYS A 806 -22.95 12.47 16.70
CA LYS A 806 -23.20 13.87 16.42
C LYS A 806 -22.07 14.72 16.93
N ASP A 807 -21.38 15.34 15.99
CA ASP A 807 -20.23 16.18 16.29
C ASP A 807 -20.61 17.37 17.16
N PRO A 808 -19.91 17.56 18.30
CA PRO A 808 -20.32 18.65 19.20
C PRO A 808 -20.04 20.10 18.73
N ASN A 809 -19.36 20.26 17.60
CA ASN A 809 -18.93 21.57 17.14
C ASN A 809 -19.94 22.26 16.23
N ASN A 810 -21.19 21.85 16.29
CA ASN A 810 -22.26 22.60 15.51
C ASN A 810 -21.92 22.73 14.01
N LEU A 811 -21.54 21.61 13.40
CA LEU A 811 -21.04 21.65 12.02
C LEU A 811 -22.21 21.73 11.10
N ALA A 812 -22.03 22.50 10.03
CA ALA A 812 -23.09 22.58 9.04
C ALA A 812 -22.46 22.92 7.69
N PHE A 813 -23.17 22.53 6.64
CA PHE A 813 -22.83 22.94 5.28
C PHE A 813 -23.29 24.37 5.12
N ASN A 814 -22.37 25.29 4.87
CA ASN A 814 -22.75 26.68 4.77
C ASN A 814 -22.53 27.21 3.36
N GLU A 815 -22.13 26.34 2.45
CA GLU A 815 -21.89 26.74 1.04
C GLU A 815 -22.13 25.53 0.15
N ILE A 816 -22.84 25.75 -0.96
CA ILE A 816 -23.01 24.70 -1.97
C ILE A 816 -22.55 25.32 -3.32
N LYS A 817 -21.56 24.70 -3.96
CA LYS A 817 -21.09 25.18 -5.25
C LYS A 817 -21.58 24.17 -6.30
N ILE A 818 -22.30 24.67 -7.32
CA ILE A 818 -22.85 23.78 -8.37
C ILE A 818 -22.14 24.11 -9.67
N LEU A 819 -21.51 23.11 -10.28
CA LEU A 819 -20.72 23.28 -11.50
C LEU A 819 -21.55 22.73 -12.66
N GLY A 820 -21.49 23.40 -13.79
CA GLY A 820 -22.15 22.92 -15.01
C GLY A 820 -23.65 23.21 -15.04
N THR A 821 -24.03 24.29 -14.38
CA THR A 821 -25.45 24.60 -14.24
C THR A 821 -25.88 25.91 -14.96
N GLU A 822 -27.12 25.92 -15.43
CA GLU A 822 -27.76 27.17 -15.84
C GLU A 822 -28.16 27.91 -14.57
N GLU A 823 -28.42 29.21 -14.67
CA GLU A 823 -28.75 29.98 -13.46
C GLU A 823 -29.88 29.38 -12.59
N PRO A 824 -29.59 29.03 -11.32
CA PRO A 824 -30.68 28.65 -10.44
C PRO A 824 -31.52 29.88 -10.03
N SER A 825 -32.84 29.70 -9.97
CA SER A 825 -33.72 30.69 -9.37
C SER A 825 -34.64 30.04 -8.34
N ASN A 826 -35.24 30.87 -7.48
CA ASN A 826 -36.18 30.42 -6.44
C ASN A 826 -35.61 29.27 -5.59
N VAL A 827 -34.39 29.44 -5.10
CA VAL A 827 -33.76 28.40 -4.29
C VAL A 827 -34.46 28.28 -2.94
N THR A 828 -34.88 27.06 -2.62
CA THR A 828 -35.72 26.76 -1.48
C THR A 828 -35.08 25.61 -0.70
N VAL A 829 -35.15 25.69 0.63
CA VAL A 829 -34.54 24.69 1.49
C VAL A 829 -35.63 24.14 2.39
N LYS A 830 -35.79 22.83 2.39
CA LYS A 830 -36.73 22.17 3.28
C LYS A 830 -35.93 21.31 4.25
N HIS A 831 -36.45 21.16 5.46
CA HIS A 831 -35.81 20.35 6.49
C HIS A 831 -36.82 19.31 6.94
N ASN A 832 -36.51 18.04 6.69
CA ASN A 832 -37.43 16.91 6.92
C ASN A 832 -38.74 17.08 6.13
N GLY A 833 -38.66 17.77 4.99
CA GLY A 833 -39.84 18.01 4.15
C GLY A 833 -40.58 19.31 4.41
N VAL A 834 -40.11 20.04 5.42
CA VAL A 834 -40.80 21.24 5.90
C VAL A 834 -40.05 22.51 5.49
N PRO A 835 -40.72 23.39 4.73
CA PRO A 835 -40.17 24.68 4.32
C PRO A 835 -39.52 25.38 5.51
N SER A 836 -38.58 26.31 5.34
CA SER A 836 -38.24 27.07 4.12
C SER A 836 -38.21 28.54 4.53
N THR A 838 -36.81 31.60 5.07
CA THR A 838 -35.45 32.01 4.69
C THR A 838 -35.09 31.62 3.25
N SER A 839 -34.53 32.56 2.51
CA SER A 839 -34.08 32.39 1.13
C SER A 839 -32.56 32.41 1.19
N PRO A 840 -31.87 31.38 0.65
CA PRO A 840 -30.41 31.46 0.69
C PRO A 840 -29.90 32.48 -0.34
N THR A 841 -28.64 32.87 -0.20
CA THR A 841 -27.97 33.75 -1.18
C THR A 841 -27.41 32.94 -2.35
N VAL A 842 -27.67 33.38 -3.59
CA VAL A 842 -27.15 32.66 -4.74
C VAL A 842 -26.36 33.63 -5.60
N THR A 843 -25.13 33.24 -5.88
CA THR A 843 -24.26 33.96 -6.82
C THR A 843 -24.05 33.13 -8.07
N TYR A 844 -24.16 33.76 -9.24
CA TYR A 844 -24.07 33.01 -10.45
C TYR A 844 -23.07 33.63 -11.43
N ASP A 845 -22.22 32.78 -11.99
CA ASP A 845 -21.28 33.14 -13.01
C ASP A 845 -21.80 32.57 -14.34
N SER A 846 -22.35 33.41 -15.19
CA SER A 846 -22.92 32.91 -16.44
C SER A 846 -21.89 32.49 -17.52
N ASN A 847 -20.67 33.03 -17.49
CA ASN A 847 -19.61 32.58 -18.40
C ASN A 847 -19.11 31.17 -18.03
N LEU A 848 -18.96 30.92 -16.72
CA LEU A 848 -18.41 29.65 -16.23
C LEU A 848 -19.46 28.59 -15.94
N LYS A 849 -20.73 28.99 -15.89
CA LYS A 849 -21.87 28.13 -15.51
C LYS A 849 -21.66 27.55 -14.07
N VAL A 850 -21.27 28.42 -13.15
CA VAL A 850 -21.09 28.07 -11.71
C VAL A 850 -22.07 28.89 -10.87
N ALA A 851 -22.81 28.20 -9.99
CA ALA A 851 -23.67 28.83 -9.00
C ALA A 851 -23.05 28.51 -7.64
N ILE A 852 -23.07 29.48 -6.75
CA ILE A 852 -22.74 29.22 -5.33
C ILE A 852 -23.86 29.67 -4.45
N ILE A 853 -24.33 28.75 -3.60
CA ILE A 853 -25.41 29.02 -2.67
C ILE A 853 -24.75 29.25 -1.33
N THR A 854 -25.02 30.42 -0.76
CA THR A 854 -24.53 30.74 0.58
C THR A 854 -25.68 31.21 1.50
N ASP A 855 -25.33 31.70 2.70
CA ASP A 855 -26.34 32.09 3.70
C ASP A 855 -27.32 30.94 3.90
N ILE A 856 -26.74 29.77 4.12
CA ILE A 856 -27.44 28.51 4.31
C ILE A 856 -26.73 27.85 5.50
N ASP A 857 -27.43 26.99 6.24
CA ASP A 857 -26.86 26.30 7.40
C ASP A 857 -27.53 24.93 7.43
N LEU A 858 -27.02 23.98 6.66
CA LEU A 858 -27.60 22.65 6.66
C LEU A 858 -26.87 21.80 7.68
N LEU A 859 -27.50 21.52 8.82
CA LEU A 859 -26.75 20.89 9.90
C LEU A 859 -26.30 19.48 9.51
N LEU A 860 -25.02 19.19 9.80
CA LEU A 860 -24.51 17.88 9.62
C LEU A 860 -25.36 16.89 10.41
N GLY A 861 -25.82 15.87 9.73
CA GLY A 861 -26.62 14.86 10.39
C GLY A 861 -28.11 15.03 10.25
N GLU A 862 -28.57 16.05 9.52
CA GLU A 862 -30.01 16.32 9.31
C GLU A 862 -30.33 16.17 7.81
N ALA A 863 -31.57 15.80 7.52
CA ALA A 863 -32.04 15.58 6.16
C ALA A 863 -32.56 16.90 5.61
N TYR A 864 -32.18 17.20 4.38
CA TYR A 864 -32.62 18.43 3.75
C TYR A 864 -32.93 18.16 2.30
N THR A 865 -33.77 19.02 1.74
CA THR A 865 -33.96 19.09 0.30
C THR A 865 -33.72 20.53 -0.12
N VAL A 866 -32.85 20.76 -1.10
CA VAL A 866 -32.67 22.10 -1.64
C VAL A 866 -33.18 22.01 -3.07
N GLU A 867 -34.14 22.86 -3.41
CA GLU A 867 -34.77 22.78 -4.71
C GLU A 867 -34.58 24.12 -5.38
N TRP A 868 -34.50 24.12 -6.71
CA TRP A 868 -34.42 25.37 -7.43
C TRP A 868 -35.16 25.21 -8.76
N ALA A 869 -35.40 26.34 -9.44
CA ALA A 869 -35.92 26.35 -10.80
C ALA A 869 -34.87 26.93 -11.74
N HIS A 870 -35.16 26.89 -13.05
CA HIS A 870 -34.26 27.42 -14.09
C HIS A 870 -35.03 28.39 -14.99
C1 NAG B . 16.01 -18.00 22.59
C2 NAG B . 14.72 -18.82 22.58
C3 NAG B . 14.02 -18.79 23.96
C4 NAG B . 14.98 -19.15 25.11
C5 NAG B . 16.26 -18.32 24.94
C6 NAG B . 17.33 -18.66 25.97
C7 NAG B . 13.42 -19.16 20.56
C8 NAG B . 12.43 -18.63 19.56
N2 NAG B . 13.79 -18.37 21.56
O3 NAG B . 12.93 -19.66 23.91
O4 NAG B . 14.43 -18.79 26.37
O5 NAG B . 16.82 -18.47 23.64
O6 NAG B . 18.41 -17.76 25.83
O7 NAG B . 13.84 -20.31 20.42
C1 NAG B . 13.48 -19.73 26.93
C2 NAG B . 14.03 -20.20 28.28
C3 NAG B . 13.03 -21.05 29.06
C4 NAG B . 11.69 -20.36 29.16
C5 NAG B . 11.22 -19.76 27.83
C6 NAG B . 10.15 -18.71 28.10
C7 NAG B . 16.39 -20.58 28.75
C8 NAG B . 17.63 -21.36 28.42
N2 NAG B . 15.29 -20.92 28.09
O3 NAG B . 13.56 -21.29 30.35
O4 NAG B . 10.71 -21.29 29.61
O5 NAG B . 12.24 -19.08 27.11
O6 NAG B . 9.35 -18.62 26.95
O7 NAG B . 16.43 -19.68 29.59
OAA NR3 C . 24.59 2.48 2.57
OAB NR3 C . 16.59 6.61 10.74
OAC NR3 C . 22.60 1.80 5.45
OAD NR3 C . 13.80 7.15 6.34
OAE NR3 C . 17.54 3.14 5.36
OAF NR3 C . 21.19 3.13 2.29
OAG NR3 C . 15.54 8.81 7.92
OAH NR3 C . 20.12 1.59 5.42
OAI NR3 C . 20.60 6.91 5.26
OAJ NR3 C . 22.81 6.03 5.74
OAK NR3 C . 21.76 5.69 3.62
CAL NR3 C . 23.71 1.57 3.26
CAM NR3 C . 17.53 7.06 9.75
CAN NR3 C . 15.37 5.22 6.88
CAO NR3 C . 18.28 5.16 6.50
OAP NR3 C . 20.94 4.54 5.50
CAQ NR3 C . 22.64 2.31 4.09
CAR NR3 C . 15.16 6.74 6.73
CAS NR3 C . 18.68 3.80 5.93
CAT NR3 C . 21.25 2.24 3.41
CAU NR3 C . 15.56 7.38 8.08
CAV NR3 C . 20.05 2.50 4.32
CAW NR3 C . 17.01 6.89 8.31
CAX NR3 C . 19.79 3.93 4.86
SAY NR3 C . 16.99 5.15 7.76
SAZ NR3 C . 21.52 5.78 5.02
C1 NAG D . -7.64 27.90 12.96
C2 NAG D . -8.90 28.47 13.61
C3 NAG D . -8.56 29.53 14.67
C4 NAG D . -7.65 28.94 15.73
C5 NAG D . -6.41 28.36 15.03
C6 NAG D . -5.48 27.64 16.01
C7 NAG D . -10.96 28.79 12.32
C8 NAG D . -11.96 28.65 13.43
N2 NAG D . -9.70 29.10 12.60
O3 NAG D . -9.75 30.06 15.24
O4 NAG D . -7.30 29.93 16.65
O5 NAG D . -6.83 27.43 14.03
O6 NAG D . -4.29 27.30 15.32
O7 NAG D . -11.28 28.64 11.14
C1 GOL E . -4.46 3.77 7.52
O1 GOL E . -4.66 2.74 6.55
C2 GOL E . -3.03 3.56 8.12
O2 GOL E . -2.89 2.27 8.76
C3 GOL E . -2.55 4.73 9.01
O3 GOL E . -3.01 4.44 10.29
C1 GOL F . 10.26 26.79 -15.72
O1 GOL F . 11.63 27.09 -15.81
C2 GOL F . 10.09 25.86 -14.53
O2 GOL F . 10.58 26.48 -13.35
C3 GOL F . 8.62 25.59 -14.33
O3 GOL F . 8.51 24.98 -13.08
C1 GOL G . 17.59 25.57 10.37
O1 GOL G . 17.79 26.33 9.20
C2 GOL G . 17.77 24.12 10.00
O2 GOL G . 18.85 24.01 9.11
C3 GOL G . 18.06 23.30 11.24
O3 GOL G . 18.01 21.93 10.93
C1 GOL H . -22.08 36.00 -1.05
O1 GOL H . -22.39 35.41 0.21
C2 GOL H . -20.59 36.11 -1.29
O2 GOL H . -19.94 34.85 -1.15
C3 GOL H . -20.34 36.60 -2.70
O3 GOL H . -20.70 35.66 -3.68
#